data_1JLV
#
_entry.id   1JLV
#
_cell.length_a   87.810
_cell.length_b   87.810
_cell.length_c   166.100
_cell.angle_alpha   90.00
_cell.angle_beta   90.00
_cell.angle_gamma   90.00
#
_symmetry.space_group_name_H-M   'P 43'
#
loop_
_entity.id
_entity.type
_entity.pdbx_description
1 polymer 'glutathione transferase GST1-3'
2 non-polymer GLUTATHIONE
3 water water
#
_entity_poly.entity_id   1
_entity_poly.type   'polypeptide(L)'
_entity_poly.pdbx_seq_one_letter_code
;MDFYYLPGSAPCRAVQMTAAAVGVELNLKLTNLMAGEHMKPEFLKINPQHCIPTLVDNGFALWESRAICTYLAEKYGKDD
KLYPKDPQKRAVVNQRLYFDMGTLYQRFADYYYPQIFAKQPANAENEKKMKDAVDFLNTFLDGHKYVAGDSLTIADLTVL
ATVSTYDVAGFELAKYPHVAAWYERTRKEAPGAAINEAGIEEFRKYFEK
;
_entity_poly.pdbx_strand_id   A,B,C,D,E,F
#
loop_
_chem_comp.id
_chem_comp.type
_chem_comp.name
_chem_comp.formula
GSH non-polymer GLUTATHIONE 'C10 H17 N3 O6 S'
#
# COMPACT_ATOMS: atom_id res chain seq x y z
N MET A 1 -34.72 26.09 -43.93
CA MET A 1 -33.82 26.51 -42.79
C MET A 1 -34.49 27.52 -41.88
N ASP A 2 -34.40 27.26 -40.57
CA ASP A 2 -34.99 28.13 -39.56
C ASP A 2 -34.12 29.33 -39.27
N PHE A 3 -34.77 30.47 -39.03
CA PHE A 3 -34.07 31.70 -38.75
C PHE A 3 -34.72 32.36 -37.54
N TYR A 4 -34.07 32.25 -36.38
CA TYR A 4 -34.59 32.87 -35.17
C TYR A 4 -34.20 34.34 -35.22
N TYR A 5 -35.18 35.23 -35.24
CA TYR A 5 -34.88 36.64 -35.39
C TYR A 5 -35.93 37.60 -34.81
N LEU A 6 -35.66 38.88 -35.02
CA LEU A 6 -36.53 39.96 -34.63
C LEU A 6 -36.28 40.93 -35.79
N PRO A 7 -37.35 41.42 -36.44
CA PRO A 7 -37.21 42.34 -37.58
C PRO A 7 -36.40 43.61 -37.34
N GLY A 8 -36.46 44.14 -36.12
CA GLY A 8 -35.74 45.36 -35.83
C GLY A 8 -34.25 45.18 -35.60
N SER A 9 -33.84 43.94 -35.34
CA SER A 9 -32.44 43.63 -35.06
C SER A 9 -31.53 43.77 -36.29
N ALA A 10 -30.51 44.63 -36.17
CA ALA A 10 -29.56 44.85 -37.25
C ALA A 10 -28.86 43.58 -37.71
N PRO A 11 -28.30 42.80 -36.78
CA PRO A 11 -27.63 41.57 -37.22
C PRO A 11 -28.57 40.62 -37.97
N CYS A 12 -29.84 40.62 -37.59
CA CYS A 12 -30.82 39.77 -38.27
C CYS A 12 -31.09 40.26 -39.68
N ARG A 13 -31.21 41.57 -39.85
CA ARG A 13 -31.47 42.15 -41.17
C ARG A 13 -30.29 41.91 -42.11
N ALA A 14 -29.08 41.85 -41.56
CA ALA A 14 -27.90 41.59 -42.37
C ALA A 14 -28.03 40.21 -43.00
N VAL A 15 -28.51 39.25 -42.23
CA VAL A 15 -28.68 37.90 -42.74
C VAL A 15 -29.84 37.87 -43.74
N GLN A 16 -30.92 38.59 -43.47
CA GLN A 16 -32.06 38.58 -44.39
C GLN A 16 -31.69 39.11 -45.78
N MET A 17 -30.90 40.17 -45.84
CA MET A 17 -30.52 40.71 -47.14
C MET A 17 -29.54 39.77 -47.84
N THR A 18 -28.68 39.11 -47.08
CA THR A 18 -27.73 38.18 -47.66
C THR A 18 -28.48 36.98 -48.23
N ALA A 19 -29.49 36.50 -47.50
CA ALA A 19 -30.31 35.38 -47.96
C ALA A 19 -31.04 35.75 -49.26
N ALA A 20 -31.57 36.97 -49.32
CA ALA A 20 -32.28 37.42 -50.52
C ALA A 20 -31.31 37.49 -51.70
N ALA A 21 -30.08 37.91 -51.42
CA ALA A 21 -29.06 38.05 -52.45
C ALA A 21 -28.65 36.71 -53.06
N VAL A 22 -28.78 35.63 -52.30
CA VAL A 22 -28.39 34.33 -52.80
C VAL A 22 -29.56 33.40 -53.09
N GLY A 23 -30.78 33.93 -53.02
CA GLY A 23 -31.96 33.14 -53.29
C GLY A 23 -32.29 32.07 -52.27
N VAL A 24 -31.88 32.28 -51.03
CA VAL A 24 -32.16 31.32 -49.97
C VAL A 24 -33.39 31.78 -49.19
N GLU A 25 -34.37 30.89 -49.06
CA GLU A 25 -35.59 31.23 -48.33
C GLU A 25 -35.44 30.88 -46.86
N LEU A 26 -35.82 31.81 -45.99
CA LEU A 26 -35.69 31.61 -44.55
C LEU A 26 -37.05 31.42 -43.88
N ASN A 27 -37.18 30.35 -43.10
CA ASN A 27 -38.42 30.11 -42.37
C ASN A 27 -38.29 31.00 -41.13
N LEU A 28 -39.00 32.12 -41.14
CA LEU A 28 -38.94 33.09 -40.06
C LEU A 28 -39.55 32.65 -38.75
N LYS A 29 -38.75 32.72 -37.68
CA LYS A 29 -39.17 32.34 -36.34
C LYS A 29 -38.98 33.54 -35.41
N LEU A 30 -40.01 34.36 -35.25
CA LEU A 30 -39.91 35.52 -34.37
C LEU A 30 -39.52 35.07 -32.96
N THR A 31 -38.43 35.62 -32.45
CA THR A 31 -37.95 35.28 -31.10
C THR A 31 -37.92 36.56 -30.29
N ASN A 32 -38.99 36.77 -29.53
CA ASN A 32 -39.14 37.99 -28.73
C ASN A 32 -38.27 38.00 -27.49
N LEU A 33 -37.22 38.81 -27.52
CA LEU A 33 -36.29 38.92 -26.41
C LEU A 33 -36.97 39.53 -25.17
N MET A 34 -37.92 40.42 -25.37
CA MET A 34 -38.60 41.06 -24.25
C MET A 34 -39.48 40.08 -23.49
N ALA A 35 -39.77 38.95 -24.13
CA ALA A 35 -40.60 37.90 -23.53
C ALA A 35 -39.69 36.74 -23.10
N GLY A 36 -38.38 36.92 -23.26
CA GLY A 36 -37.42 35.91 -22.87
C GLY A 36 -37.46 34.60 -23.64
N GLU A 37 -37.90 34.65 -24.89
CA GLU A 37 -37.99 33.44 -25.70
C GLU A 37 -36.64 32.90 -26.16
N HIS A 38 -35.60 33.72 -26.04
CA HIS A 38 -34.26 33.32 -26.43
C HIS A 38 -33.59 32.47 -25.35
N MET A 39 -34.27 32.29 -24.22
CA MET A 39 -33.73 31.48 -23.14
C MET A 39 -34.56 30.23 -22.88
N LYS A 40 -35.46 29.92 -23.80
CA LYS A 40 -36.27 28.71 -23.69
C LYS A 40 -35.28 27.55 -23.79
N PRO A 41 -35.52 26.46 -23.04
CA PRO A 41 -34.60 25.32 -23.10
C PRO A 41 -34.23 24.92 -24.53
N GLU A 42 -35.24 24.67 -25.34
CA GLU A 42 -35.04 24.25 -26.72
C GLU A 42 -34.12 25.17 -27.53
N PHE A 43 -34.12 26.47 -27.23
CA PHE A 43 -33.27 27.39 -27.97
C PHE A 43 -31.85 27.35 -27.43
N LEU A 44 -31.70 27.15 -26.13
CA LEU A 44 -30.37 27.09 -25.54
C LEU A 44 -29.66 25.83 -26.01
N LYS A 45 -30.44 24.80 -26.34
CA LYS A 45 -29.88 23.55 -26.82
C LYS A 45 -29.26 23.75 -28.18
N ILE A 46 -29.84 24.67 -28.96
CA ILE A 46 -29.35 24.98 -30.30
C ILE A 46 -28.26 26.04 -30.25
N ASN A 47 -28.47 27.06 -29.43
CA ASN A 47 -27.50 28.14 -29.28
C ASN A 47 -27.32 28.49 -27.80
N PRO A 48 -26.24 27.98 -27.18
CA PRO A 48 -25.99 28.26 -25.76
C PRO A 48 -25.69 29.72 -25.45
N GLN A 49 -25.37 30.51 -26.47
CA GLN A 49 -25.08 31.92 -26.25
C GLN A 49 -26.39 32.71 -26.30
N HIS A 50 -27.49 31.98 -26.48
CA HIS A 50 -28.84 32.54 -26.54
C HIS A 50 -28.96 33.90 -27.19
N CYS A 51 -28.55 34.00 -28.45
CA CYS A 51 -28.63 35.27 -29.16
C CYS A 51 -29.21 35.09 -30.55
N ILE A 52 -29.72 36.19 -31.08
CA ILE A 52 -30.30 36.22 -32.42
C ILE A 52 -29.41 37.15 -33.24
N PRO A 53 -29.22 36.86 -34.54
CA PRO A 53 -29.80 35.72 -35.26
C PRO A 53 -29.16 34.37 -35.00
N THR A 54 -29.96 33.33 -35.15
CA THR A 54 -29.47 31.96 -35.03
C THR A 54 -30.08 31.25 -36.22
N LEU A 55 -29.24 30.55 -36.95
CA LEU A 55 -29.69 29.83 -38.14
C LEU A 55 -29.56 28.33 -37.89
N VAL A 56 -30.53 27.57 -38.42
CA VAL A 56 -30.50 26.12 -38.32
C VAL A 56 -30.77 25.64 -39.74
N ASP A 57 -29.75 25.05 -40.35
CA ASP A 57 -29.82 24.57 -41.72
C ASP A 57 -29.65 23.05 -41.76
N ASN A 58 -30.76 22.34 -41.87
CA ASN A 58 -30.75 20.88 -41.90
C ASN A 58 -29.92 20.29 -40.76
N GLY A 59 -30.19 20.73 -39.54
CA GLY A 59 -29.48 20.23 -38.38
C GLY A 59 -28.28 21.02 -37.89
N PHE A 60 -27.72 21.83 -38.77
CA PHE A 60 -26.55 22.65 -38.43
C PHE A 60 -26.99 23.99 -37.84
N ALA A 61 -26.63 24.23 -36.58
CA ALA A 61 -26.98 25.48 -35.91
C ALA A 61 -25.82 26.46 -35.96
N LEU A 62 -26.11 27.72 -36.29
CA LEU A 62 -25.06 28.73 -36.41
C LEU A 62 -25.55 30.10 -35.96
N TRP A 63 -24.69 30.83 -35.24
CA TRP A 63 -25.02 32.18 -34.84
C TRP A 63 -23.85 33.12 -35.17
N GLU A 64 -24.03 34.40 -34.90
CA GLU A 64 -23.09 35.47 -35.24
C GLU A 64 -23.48 35.81 -36.68
N SER A 65 -24.26 36.87 -36.82
CA SER A 65 -24.76 37.31 -38.12
C SER A 65 -23.80 37.26 -39.30
N ARG A 66 -22.61 37.83 -39.13
CA ARG A 66 -21.64 37.86 -40.22
C ARG A 66 -21.10 36.48 -40.60
N ALA A 67 -21.08 35.56 -39.65
CA ALA A 67 -20.62 34.19 -39.94
C ALA A 67 -21.75 33.50 -40.72
N ILE A 68 -23.00 33.84 -40.39
CA ILE A 68 -24.12 33.25 -41.11
C ILE A 68 -24.09 33.81 -42.54
N CYS A 69 -23.90 35.12 -42.67
CA CYS A 69 -23.83 35.74 -44.00
C CYS A 69 -22.77 35.11 -44.90
N THR A 70 -21.56 34.92 -44.37
CA THR A 70 -20.50 34.33 -45.19
C THR A 70 -20.80 32.86 -45.50
N TYR A 71 -21.44 32.16 -44.55
CA TYR A 71 -21.81 30.76 -44.75
C TYR A 71 -22.80 30.65 -45.90
N LEU A 72 -23.80 31.52 -45.88
CA LEU A 72 -24.82 31.52 -46.92
C LEU A 72 -24.18 31.85 -48.27
N ALA A 73 -23.22 32.77 -48.26
CA ALA A 73 -22.54 33.15 -49.49
C ALA A 73 -21.67 32.02 -50.03
N GLU A 74 -20.88 31.41 -49.15
CA GLU A 74 -20.00 30.33 -49.58
C GLU A 74 -20.72 29.08 -50.04
N LYS A 75 -21.74 28.67 -49.30
CA LYS A 75 -22.46 27.44 -49.65
C LYS A 75 -23.50 27.59 -50.74
N TYR A 76 -24.26 28.68 -50.73
CA TYR A 76 -25.33 28.88 -51.71
C TYR A 76 -25.11 29.95 -52.79
N GLY A 77 -24.11 30.79 -52.60
CA GLY A 77 -23.85 31.84 -53.59
C GLY A 77 -23.24 31.33 -54.89
N LYS A 78 -23.51 32.04 -55.97
CA LYS A 78 -22.98 31.68 -57.28
C LYS A 78 -22.33 32.87 -57.96
N ASP A 79 -22.41 34.03 -57.32
CA ASP A 79 -21.81 35.25 -57.87
C ASP A 79 -20.59 35.65 -57.05
N ASP A 80 -19.44 35.15 -57.46
CA ASP A 80 -18.18 35.42 -56.77
C ASP A 80 -18.02 36.87 -56.33
N LYS A 81 -18.68 37.79 -57.02
CA LYS A 81 -18.60 39.21 -56.67
C LYS A 81 -19.12 39.49 -55.26
N LEU A 82 -20.18 38.80 -54.87
CA LEU A 82 -20.77 39.00 -53.55
C LEU A 82 -19.79 38.71 -52.42
N TYR A 83 -18.92 37.73 -52.62
CA TYR A 83 -17.94 37.35 -51.61
C TYR A 83 -16.80 36.67 -52.37
N PRO A 84 -15.89 37.48 -52.96
CA PRO A 84 -14.73 37.01 -53.73
C PRO A 84 -13.81 35.97 -53.08
N LYS A 85 -13.51 34.93 -53.86
CA LYS A 85 -12.64 33.84 -53.41
C LYS A 85 -11.16 34.21 -53.37
N ASP A 86 -10.77 35.19 -54.19
CA ASP A 86 -9.38 35.64 -54.22
C ASP A 86 -8.98 36.07 -52.81
N PRO A 87 -7.91 35.49 -52.27
CA PRO A 87 -7.46 35.82 -50.91
C PRO A 87 -7.39 37.31 -50.56
N GLN A 88 -6.82 38.12 -51.44
CA GLN A 88 -6.72 39.54 -51.18
C GLN A 88 -8.08 40.22 -51.19
N LYS A 89 -8.87 39.96 -52.23
CA LYS A 89 -10.20 40.55 -52.30
C LYS A 89 -11.03 40.07 -51.12
N ARG A 90 -10.91 38.80 -50.80
CA ARG A 90 -11.65 38.24 -49.68
C ARG A 90 -11.22 38.90 -48.37
N ALA A 91 -9.92 39.14 -48.26
CA ALA A 91 -9.36 39.76 -47.06
C ALA A 91 -9.92 41.16 -46.82
N VAL A 92 -10.09 41.94 -47.88
CA VAL A 92 -10.63 43.29 -47.75
C VAL A 92 -12.06 43.22 -47.24
N VAL A 93 -12.85 42.31 -47.80
CA VAL A 93 -14.23 42.14 -47.37
C VAL A 93 -14.26 41.71 -45.92
N ASN A 94 -13.41 40.74 -45.56
CA ASN A 94 -13.38 40.25 -44.19
C ASN A 94 -12.97 41.33 -43.19
N GLN A 95 -12.01 42.17 -43.55
CA GLN A 95 -11.62 43.22 -42.63
C GLN A 95 -12.80 44.16 -42.42
N ARG A 96 -13.60 44.38 -43.47
CA ARG A 96 -14.75 45.27 -43.35
C ARG A 96 -15.83 44.65 -42.46
N LEU A 97 -15.93 43.32 -42.49
CA LEU A 97 -16.92 42.62 -41.67
C LEU A 97 -16.54 42.81 -40.19
N TYR A 98 -15.27 42.65 -39.86
CA TYR A 98 -14.84 42.84 -38.48
C TYR A 98 -14.99 44.31 -38.09
N PHE A 99 -14.80 45.20 -39.06
CA PHE A 99 -14.96 46.64 -38.78
C PHE A 99 -16.41 46.89 -38.41
N ASP A 100 -17.31 46.39 -39.25
CA ASP A 100 -18.74 46.56 -39.02
C ASP A 100 -19.14 46.08 -37.65
N MET A 101 -18.63 44.92 -37.24
CA MET A 101 -18.99 44.41 -35.92
C MET A 101 -18.31 45.09 -34.75
N GLY A 102 -16.98 45.02 -34.73
CA GLY A 102 -16.20 45.56 -33.65
C GLY A 102 -16.03 47.06 -33.55
N THR A 103 -16.30 47.79 -34.62
CA THR A 103 -16.13 49.23 -34.57
C THR A 103 -17.44 49.97 -34.83
N LEU A 104 -17.98 49.82 -36.04
CA LEU A 104 -19.21 50.52 -36.41
C LEU A 104 -20.45 50.18 -35.58
N TYR A 105 -20.83 48.90 -35.55
CA TYR A 105 -22.01 48.53 -34.79
C TYR A 105 -21.76 48.51 -33.29
N GLN A 106 -20.63 47.97 -32.87
CA GLN A 106 -20.30 47.88 -31.45
C GLN A 106 -20.45 49.23 -30.75
N ARG A 107 -19.91 50.29 -31.34
CA ARG A 107 -19.99 51.61 -30.75
C ARG A 107 -21.40 52.17 -30.80
N PHE A 108 -22.16 51.79 -31.82
CA PHE A 108 -23.54 52.24 -31.94
C PHE A 108 -24.34 51.63 -30.79
N ALA A 109 -24.19 50.32 -30.62
CA ALA A 109 -24.89 49.60 -29.57
C ALA A 109 -24.52 50.07 -28.18
N ASP A 110 -23.23 50.25 -27.94
CA ASP A 110 -22.77 50.70 -26.64
C ASP A 110 -23.27 52.08 -26.28
N TYR A 111 -23.55 52.90 -27.29
CA TYR A 111 -24.02 54.25 -27.04
C TYR A 111 -25.55 54.37 -26.90
N TYR A 112 -26.30 53.75 -27.80
CA TYR A 112 -27.76 53.85 -27.76
C TYR A 112 -28.53 52.86 -26.93
N TYR A 113 -28.13 51.60 -26.94
CA TYR A 113 -28.87 50.59 -26.20
C TYR A 113 -29.04 50.84 -24.70
N PRO A 114 -27.97 51.27 -24.00
CA PRO A 114 -28.14 51.50 -22.56
C PRO A 114 -29.17 52.60 -22.28
N GLN A 115 -29.40 53.46 -23.27
CA GLN A 115 -30.36 54.55 -23.14
C GLN A 115 -31.78 54.11 -23.49
N ILE A 116 -31.92 53.43 -24.63
CA ILE A 116 -33.22 52.97 -25.07
C ILE A 116 -33.85 51.90 -24.18
N PHE A 117 -33.04 50.89 -23.83
CA PHE A 117 -33.55 49.79 -23.02
C PHE A 117 -33.30 49.93 -21.53
N ALA A 118 -32.09 50.33 -21.15
CA ALA A 118 -31.75 50.50 -19.73
C ALA A 118 -32.06 51.89 -19.21
N LYS A 119 -32.55 52.76 -20.08
CA LYS A 119 -32.91 54.13 -19.71
C LYS A 119 -31.80 54.85 -18.96
N GLN A 120 -30.56 54.70 -19.45
CA GLN A 120 -29.42 55.34 -18.81
C GLN A 120 -29.03 56.63 -19.52
N PRO A 121 -28.37 57.55 -18.80
CA PRO A 121 -27.96 58.81 -19.43
C PRO A 121 -26.94 58.55 -20.54
N ALA A 122 -26.93 59.39 -21.56
CA ALA A 122 -26.00 59.22 -22.67
C ALA A 122 -24.56 59.35 -22.19
N ASN A 123 -23.66 58.57 -22.79
CA ASN A 123 -22.25 58.60 -22.45
C ASN A 123 -21.49 59.39 -23.51
N ALA A 124 -21.06 60.60 -23.16
CA ALA A 124 -20.34 61.48 -24.08
C ALA A 124 -19.14 60.89 -24.81
N GLU A 125 -18.29 60.14 -24.10
CA GLU A 125 -17.12 59.54 -24.72
C GLU A 125 -17.55 58.47 -25.71
N ASN A 126 -18.59 57.71 -25.37
CA ASN A 126 -19.04 56.68 -26.30
C ASN A 126 -19.63 57.33 -27.53
N GLU A 127 -20.20 58.53 -27.38
CA GLU A 127 -20.75 59.21 -28.54
C GLU A 127 -19.60 59.58 -29.46
N LYS A 128 -18.50 60.03 -28.86
CA LYS A 128 -17.30 60.43 -29.60
C LYS A 128 -16.72 59.25 -30.37
N LYS A 129 -16.61 58.11 -29.72
CA LYS A 129 -16.08 56.91 -30.38
C LYS A 129 -16.97 56.52 -31.56
N MET A 130 -18.28 56.70 -31.39
CA MET A 130 -19.25 56.37 -32.44
C MET A 130 -19.02 57.29 -33.64
N LYS A 131 -18.79 58.56 -33.38
CA LYS A 131 -18.53 59.51 -34.46
C LYS A 131 -17.24 59.08 -35.17
N ASP A 132 -16.24 58.66 -34.39
CA ASP A 132 -14.98 58.22 -34.98
C ASP A 132 -15.18 57.01 -35.90
N ALA A 133 -16.12 56.13 -35.54
CA ALA A 133 -16.38 54.95 -36.35
C ALA A 133 -16.99 55.34 -37.70
N VAL A 134 -17.94 56.26 -37.68
CA VAL A 134 -18.54 56.67 -38.94
C VAL A 134 -17.51 57.43 -39.79
N ASP A 135 -16.61 58.15 -39.12
CA ASP A 135 -15.58 58.89 -39.82
C ASP A 135 -14.70 57.92 -40.59
N PHE A 136 -14.34 56.81 -39.95
CA PHE A 136 -13.52 55.79 -40.59
C PHE A 136 -14.23 55.27 -41.84
N LEU A 137 -15.51 54.94 -41.71
CA LEU A 137 -16.29 54.44 -42.84
C LEU A 137 -16.34 55.47 -43.96
N ASN A 138 -16.45 56.74 -43.56
CA ASN A 138 -16.50 57.83 -44.52
C ASN A 138 -15.22 57.85 -45.35
N THR A 139 -14.10 57.65 -44.68
CA THR A 139 -12.81 57.62 -45.35
C THR A 139 -12.72 56.40 -46.27
N PHE A 140 -13.14 55.24 -45.79
CA PHE A 140 -13.12 54.02 -46.59
C PHE A 140 -13.89 54.27 -47.89
N LEU A 141 -15.01 54.97 -47.76
CA LEU A 141 -15.87 55.26 -48.90
C LEU A 141 -15.40 56.41 -49.78
N ASP A 142 -14.29 57.03 -49.41
CA ASP A 142 -13.72 58.11 -50.21
C ASP A 142 -13.02 57.39 -51.36
N GLY A 143 -13.44 57.66 -52.59
CA GLY A 143 -12.85 56.98 -53.72
C GLY A 143 -13.63 55.72 -53.99
N HIS A 144 -13.43 54.70 -53.15
CA HIS A 144 -14.16 53.43 -53.30
C HIS A 144 -15.66 53.64 -53.26
N LYS A 145 -16.37 53.03 -54.21
CA LYS A 145 -17.81 53.17 -54.29
C LYS A 145 -18.59 52.23 -53.36
N TYR A 146 -17.97 51.09 -53.02
CA TYR A 146 -18.59 50.14 -52.11
C TYR A 146 -17.72 49.99 -50.87
N VAL A 147 -18.28 49.39 -49.82
CA VAL A 147 -17.53 49.23 -48.57
C VAL A 147 -16.24 48.45 -48.80
N ALA A 148 -16.29 47.48 -49.70
CA ALA A 148 -15.11 46.67 -50.02
C ALA A 148 -14.97 46.49 -51.54
N GLY A 149 -14.02 47.19 -52.13
CA GLY A 149 -13.81 47.06 -53.57
C GLY A 149 -14.75 47.91 -54.41
N ASP A 150 -14.94 47.52 -55.65
CA ASP A 150 -15.78 48.26 -56.57
C ASP A 150 -17.07 47.55 -56.93
N SER A 151 -17.54 46.68 -56.04
CA SER A 151 -18.77 45.94 -56.29
C SER A 151 -19.46 45.59 -54.97
N LEU A 152 -20.79 45.45 -55.03
CA LEU A 152 -21.58 45.12 -53.85
C LEU A 152 -21.19 43.74 -53.32
N THR A 153 -20.86 43.68 -52.03
CA THR A 153 -20.50 42.41 -51.40
C THR A 153 -21.29 42.28 -50.11
N ILE A 154 -21.08 41.18 -49.38
CA ILE A 154 -21.80 41.01 -48.13
C ILE A 154 -21.39 42.09 -47.12
N ALA A 155 -20.26 42.75 -47.35
CA ALA A 155 -19.81 43.81 -46.45
C ALA A 155 -20.77 45.00 -46.59
N ASP A 156 -21.25 45.24 -47.80
CA ASP A 156 -22.18 46.35 -48.02
C ASP A 156 -23.49 46.03 -47.35
N LEU A 157 -23.89 44.77 -47.41
CA LEU A 157 -25.15 44.36 -46.81
C LEU A 157 -25.19 44.49 -45.29
N THR A 158 -24.12 44.08 -44.61
CA THR A 158 -24.12 44.18 -43.16
C THR A 158 -23.94 45.64 -42.74
N VAL A 159 -23.13 46.41 -43.48
CA VAL A 159 -22.96 47.81 -43.14
C VAL A 159 -24.27 48.56 -43.36
N LEU A 160 -25.08 48.10 -44.33
CA LEU A 160 -26.37 48.75 -44.55
C LEU A 160 -27.25 48.44 -43.35
N ALA A 161 -27.22 47.20 -42.88
CA ALA A 161 -28.01 46.81 -41.72
C ALA A 161 -27.62 47.70 -40.53
N THR A 162 -26.32 47.97 -40.40
CA THR A 162 -25.85 48.82 -39.32
C THR A 162 -26.16 50.31 -39.54
N VAL A 163 -25.78 50.85 -40.70
CA VAL A 163 -26.01 52.26 -40.96
C VAL A 163 -27.48 52.68 -40.96
N SER A 164 -28.36 51.81 -41.47
CA SER A 164 -29.77 52.15 -41.49
C SER A 164 -30.26 52.30 -40.05
N THR A 165 -29.63 51.59 -39.13
CA THR A 165 -30.02 51.69 -37.74
C THR A 165 -29.52 53.02 -37.18
N TYR A 166 -28.35 53.47 -37.63
CA TYR A 166 -27.82 54.75 -37.18
C TYR A 166 -28.83 55.81 -37.62
N ASP A 167 -29.37 55.62 -38.82
CA ASP A 167 -30.33 56.54 -39.41
C ASP A 167 -31.56 56.71 -38.53
N VAL A 168 -32.28 55.62 -38.28
CA VAL A 168 -33.48 55.70 -37.45
C VAL A 168 -33.22 56.18 -36.02
N ALA A 169 -32.01 55.93 -35.51
CA ALA A 169 -31.65 56.36 -34.16
C ALA A 169 -31.46 57.87 -34.11
N GLY A 170 -31.40 58.50 -35.26
CA GLY A 170 -31.23 59.95 -35.30
C GLY A 170 -29.81 60.46 -35.37
N PHE A 171 -28.87 59.57 -35.65
CA PHE A 171 -27.48 59.99 -35.76
C PHE A 171 -27.36 60.79 -37.05
N GLU A 172 -26.61 61.89 -37.00
CA GLU A 172 -26.45 62.73 -38.18
C GLU A 172 -25.46 62.17 -39.20
N LEU A 173 -25.96 61.32 -40.08
CA LEU A 173 -25.15 60.69 -41.12
C LEU A 173 -24.80 61.69 -42.22
N ALA A 174 -25.67 62.67 -42.42
CA ALA A 174 -25.46 63.68 -43.46
C ALA A 174 -24.10 64.37 -43.39
N LYS A 175 -23.58 64.57 -42.19
CA LYS A 175 -22.29 65.23 -42.03
C LYS A 175 -21.10 64.41 -42.54
N TYR A 176 -21.38 63.20 -43.01
CA TYR A 176 -20.35 62.32 -43.57
C TYR A 176 -20.78 62.02 -45.01
N PRO A 177 -20.47 62.94 -45.93
CA PRO A 177 -20.80 62.84 -47.36
C PRO A 177 -20.64 61.52 -48.09
N HIS A 178 -19.55 60.81 -47.85
CA HIS A 178 -19.32 59.54 -48.51
C HIS A 178 -20.22 58.44 -47.95
N VAL A 179 -20.44 58.47 -46.64
CA VAL A 179 -21.31 57.50 -45.99
C VAL A 179 -22.75 57.77 -46.44
N ALA A 180 -23.12 59.04 -46.45
CA ALA A 180 -24.48 59.42 -46.85
C ALA A 180 -24.76 59.08 -48.31
N ALA A 181 -23.80 59.32 -49.19
CA ALA A 181 -23.99 59.01 -50.61
C ALA A 181 -24.11 57.50 -50.82
N TRP A 182 -23.22 56.74 -50.19
CA TRP A 182 -23.23 55.29 -50.29
C TRP A 182 -24.56 54.73 -49.78
N TYR A 183 -25.08 55.34 -48.72
CA TYR A 183 -26.33 54.91 -48.11
C TYR A 183 -27.49 55.19 -49.04
N GLU A 184 -27.49 56.38 -49.62
CA GLU A 184 -28.55 56.78 -50.54
C GLU A 184 -28.63 55.79 -51.69
N ARG A 185 -27.48 55.38 -52.20
CA ARG A 185 -27.41 54.44 -53.32
C ARG A 185 -27.76 52.99 -52.91
N THR A 186 -27.15 52.53 -51.83
CA THR A 186 -27.32 51.15 -51.38
C THR A 186 -28.67 50.76 -50.78
N ARG A 187 -29.29 51.68 -50.03
CA ARG A 187 -30.58 51.38 -49.42
C ARG A 187 -31.62 51.08 -50.48
N LYS A 188 -31.30 51.37 -51.74
CA LYS A 188 -32.22 51.10 -52.84
C LYS A 188 -31.79 49.91 -53.66
N GLU A 189 -30.50 49.84 -53.97
CA GLU A 189 -29.94 48.77 -54.79
C GLU A 189 -29.81 47.42 -54.10
N ALA A 190 -29.51 47.45 -52.81
CA ALA A 190 -29.30 46.22 -52.05
C ALA A 190 -30.44 45.19 -52.11
N PRO A 191 -30.09 43.91 -52.27
CA PRO A 191 -31.10 42.86 -52.32
C PRO A 191 -31.76 42.83 -50.94
N GLY A 192 -33.08 42.71 -50.89
CA GLY A 192 -33.75 42.67 -49.60
C GLY A 192 -33.86 44.07 -49.00
N ALA A 193 -33.63 45.09 -49.83
CA ALA A 193 -33.69 46.46 -49.36
C ALA A 193 -35.02 46.75 -48.68
N ALA A 194 -36.12 46.28 -49.26
CA ALA A 194 -37.44 46.49 -48.70
C ALA A 194 -37.59 45.82 -47.33
N ILE A 195 -36.94 44.67 -47.17
CA ILE A 195 -37.00 43.95 -45.90
C ILE A 195 -36.34 44.82 -44.84
N ASN A 196 -35.15 45.33 -45.14
CA ASN A 196 -34.41 46.17 -44.22
C ASN A 196 -35.18 47.43 -43.83
N GLU A 197 -35.78 48.09 -44.81
CA GLU A 197 -36.55 49.30 -44.54
C GLU A 197 -37.73 48.97 -43.62
N ALA A 198 -38.39 47.85 -43.85
CA ALA A 198 -39.52 47.48 -43.01
C ALA A 198 -39.02 47.16 -41.60
N GLY A 199 -37.87 46.52 -41.53
CA GLY A 199 -37.30 46.16 -40.24
C GLY A 199 -36.93 47.36 -39.39
N ILE A 200 -36.34 48.38 -39.99
CA ILE A 200 -35.94 49.56 -39.23
C ILE A 200 -37.16 50.25 -38.64
N GLU A 201 -38.31 50.13 -39.31
CA GLU A 201 -39.53 50.74 -38.81
C GLU A 201 -40.00 50.05 -37.55
N GLU A 202 -39.70 48.76 -37.46
CA GLU A 202 -40.06 47.99 -36.27
C GLU A 202 -39.11 48.38 -35.15
N PHE A 203 -37.89 48.76 -35.54
CA PHE A 203 -36.88 49.18 -34.56
C PHE A 203 -37.26 50.56 -34.05
N ARG A 204 -37.79 51.39 -34.96
CA ARG A 204 -38.20 52.75 -34.61
C ARG A 204 -39.15 52.72 -33.42
N LYS A 205 -39.91 51.63 -33.31
CA LYS A 205 -40.87 51.47 -32.23
C LYS A 205 -40.21 51.49 -30.85
N TYR A 206 -38.94 51.90 -30.80
CA TYR A 206 -38.21 51.98 -29.54
C TYR A 206 -37.76 53.41 -29.28
N PHE A 207 -38.29 54.34 -30.08
CA PHE A 207 -37.96 55.76 -29.94
C PHE A 207 -39.23 56.56 -29.72
N MET B 1 6.93 40.74 -46.14
CA MET B 1 5.73 41.47 -45.66
C MET B 1 5.98 42.13 -44.31
N ASP B 2 5.59 43.40 -44.20
CA ASP B 2 5.80 44.14 -42.98
C ASP B 2 4.66 43.93 -42.00
N PHE B 3 5.00 43.87 -40.72
CA PHE B 3 4.03 43.63 -39.67
C PHE B 3 4.15 44.69 -38.58
N TYR B 4 3.25 45.66 -38.59
CA TYR B 4 3.25 46.72 -37.61
C TYR B 4 2.54 46.18 -36.38
N TYR B 5 3.26 46.11 -35.27
CA TYR B 5 2.70 45.52 -34.06
C TYR B 5 3.32 46.02 -32.76
N LEU B 6 2.89 45.35 -31.69
CA LEU B 6 3.37 45.57 -30.34
C LEU B 6 3.38 44.15 -29.80
N PRO B 7 4.52 43.68 -29.28
CA PRO B 7 4.64 42.32 -28.73
C PRO B 7 3.59 41.88 -27.70
N GLY B 8 3.19 42.79 -26.83
CA GLY B 8 2.21 42.43 -25.81
C GLY B 8 0.75 42.37 -26.23
N SER B 9 0.45 42.90 -27.41
CA SER B 9 -0.92 42.93 -27.95
C SER B 9 -1.46 41.56 -28.37
N ALA B 10 -2.65 41.21 -27.87
CA ALA B 10 -3.28 39.92 -28.20
C ALA B 10 -3.53 39.78 -29.69
N PRO B 11 -4.23 40.75 -30.30
CA PRO B 11 -4.48 40.64 -31.74
C PRO B 11 -3.17 40.50 -32.52
N CYS B 12 -2.10 41.09 -32.02
CA CYS B 12 -0.81 40.99 -32.69
C CYS B 12 -0.25 39.58 -32.52
N ARG B 13 -0.28 39.08 -31.29
CA ARG B 13 0.22 37.74 -31.01
C ARG B 13 -0.57 36.67 -31.77
N ALA B 14 -1.84 36.93 -32.06
CA ALA B 14 -2.64 35.96 -32.79
C ALA B 14 -2.08 35.83 -34.20
N VAL B 15 -1.73 36.94 -34.82
CA VAL B 15 -1.18 36.93 -36.16
C VAL B 15 0.19 36.28 -36.15
N GLN B 16 0.99 36.58 -35.14
CA GLN B 16 2.32 35.99 -35.03
C GLN B 16 2.26 34.47 -35.00
N MET B 17 1.33 33.93 -34.22
CA MET B 17 1.22 32.47 -34.14
C MET B 17 0.68 31.89 -35.46
N THR B 18 -0.22 32.61 -36.11
CA THR B 18 -0.76 32.14 -37.38
C THR B 18 0.33 32.14 -38.45
N ALA B 19 1.18 33.15 -38.43
CA ALA B 19 2.27 33.24 -39.40
C ALA B 19 3.24 32.07 -39.20
N ALA B 20 3.46 31.71 -37.94
CA ALA B 20 4.35 30.60 -37.62
C ALA B 20 3.73 29.31 -38.13
N ALA B 21 2.42 29.22 -38.00
CA ALA B 21 1.68 28.04 -38.44
C ALA B 21 1.78 27.79 -39.92
N VAL B 22 1.78 28.86 -40.71
CA VAL B 22 1.86 28.71 -42.16
C VAL B 22 3.26 28.94 -42.70
N GLY B 23 4.24 29.02 -41.81
CA GLY B 23 5.62 29.22 -42.23
C GLY B 23 5.93 30.53 -42.94
N VAL B 24 5.24 31.60 -42.57
CA VAL B 24 5.48 32.90 -43.18
C VAL B 24 6.30 33.77 -42.24
N GLU B 25 7.36 34.38 -42.77
CA GLU B 25 8.21 35.22 -41.96
C GLU B 25 7.71 36.66 -42.00
N LEU B 26 7.54 37.25 -40.82
CA LEU B 26 7.05 38.62 -40.71
C LEU B 26 8.19 39.59 -40.47
N ASN B 27 8.25 40.65 -41.26
CA ASN B 27 9.26 41.68 -41.08
C ASN B 27 8.65 42.58 -40.01
N LEU B 28 9.06 42.36 -38.77
CA LEU B 28 8.56 43.12 -37.63
C LEU B 28 8.81 44.63 -37.66
N LYS B 29 7.76 45.38 -37.33
CA LYS B 29 7.83 46.83 -37.28
C LYS B 29 7.21 47.30 -35.96
N LEU B 30 8.04 47.40 -34.94
CA LEU B 30 7.57 47.84 -33.63
C LEU B 30 6.94 49.22 -33.77
N THR B 31 5.66 49.32 -33.44
CA THR B 31 4.93 50.57 -33.55
C THR B 31 4.51 51.08 -32.18
N ASN B 32 5.30 52.01 -31.64
CA ASN B 32 5.07 52.61 -30.34
C ASN B 32 3.96 53.65 -30.38
N LEU B 33 2.78 53.26 -29.91
CA LEU B 33 1.62 54.15 -29.90
C LEU B 33 1.83 55.33 -28.96
N MET B 34 2.64 55.15 -27.92
CA MET B 34 2.89 56.23 -26.97
C MET B 34 3.81 57.30 -27.54
N ALA B 35 4.30 57.07 -28.76
CA ALA B 35 5.15 58.03 -29.46
C ALA B 35 4.40 58.46 -30.72
N GLY B 36 3.13 58.07 -30.79
CA GLY B 36 2.27 58.41 -31.91
C GLY B 36 2.74 57.87 -33.25
N GLU B 37 3.44 56.74 -33.25
CA GLU B 37 3.94 56.19 -34.50
C GLU B 37 2.84 55.67 -35.42
N HIS B 38 1.66 55.41 -34.87
CA HIS B 38 0.54 54.94 -35.67
C HIS B 38 -0.17 56.13 -36.31
N MET B 39 0.17 57.33 -35.87
CA MET B 39 -0.44 58.54 -36.41
C MET B 39 0.43 59.27 -37.42
N LYS B 40 1.55 58.65 -37.80
CA LYS B 40 2.45 59.22 -38.79
C LYS B 40 1.70 59.25 -40.12
N PRO B 41 1.89 60.33 -40.91
CA PRO B 41 1.21 60.41 -42.20
C PRO B 41 1.44 59.21 -43.09
N GLU B 42 2.65 58.65 -43.03
CA GLU B 42 2.97 57.48 -43.83
C GLU B 42 2.12 56.28 -43.39
N PHE B 43 1.93 56.14 -42.09
CA PHE B 43 1.12 55.03 -41.58
C PHE B 43 -0.35 55.19 -41.93
N LEU B 44 -0.86 56.40 -41.84
CA LEU B 44 -2.26 56.66 -42.17
C LEU B 44 -2.57 56.31 -43.62
N LYS B 45 -1.56 56.43 -44.48
CA LYS B 45 -1.74 56.13 -45.90
C LYS B 45 -1.92 54.63 -46.09
N ILE B 46 -1.30 53.86 -45.21
CA ILE B 46 -1.39 52.41 -45.26
C ILE B 46 -2.67 51.94 -44.57
N ASN B 47 -2.98 52.58 -43.45
CA ASN B 47 -4.16 52.22 -42.66
C ASN B 47 -4.83 53.46 -42.06
N PRO B 48 -5.89 53.97 -42.70
CA PRO B 48 -6.61 55.16 -42.21
C PRO B 48 -7.19 55.00 -40.81
N GLN B 49 -7.40 53.76 -40.38
CA GLN B 49 -7.94 53.54 -39.04
C GLN B 49 -6.82 53.60 -38.01
N HIS B 50 -5.59 53.75 -38.49
CA HIS B 50 -4.40 53.84 -37.63
C HIS B 50 -4.39 52.92 -36.41
N CYS B 51 -4.47 51.62 -36.66
CA CYS B 51 -4.47 50.64 -35.58
C CYS B 51 -3.57 49.47 -35.92
N ILE B 52 -3.11 48.77 -34.88
CA ILE B 52 -2.27 47.60 -35.07
C ILE B 52 -3.03 46.41 -34.52
N PRO B 53 -2.77 45.20 -35.04
CA PRO B 53 -1.80 44.91 -36.09
C PRO B 53 -2.24 45.36 -37.48
N THR B 54 -1.24 45.65 -38.32
CA THR B 54 -1.47 46.01 -39.71
C THR B 54 -0.42 45.24 -40.47
N LEU B 55 -0.83 44.60 -41.56
CA LEU B 55 0.09 43.83 -42.39
C LEU B 55 0.18 44.44 -43.78
N VAL B 56 1.37 44.45 -44.35
CA VAL B 56 1.57 44.94 -45.70
C VAL B 56 2.32 43.83 -46.43
N ASP B 57 1.62 43.21 -47.37
CA ASP B 57 2.18 42.11 -48.14
C ASP B 57 2.35 42.52 -49.59
N ASN B 58 3.56 42.93 -49.95
CA ASN B 58 3.85 43.36 -51.31
C ASN B 58 2.86 44.42 -51.80
N GLY B 59 2.71 45.49 -51.03
CA GLY B 59 1.82 46.56 -51.43
C GLY B 59 0.38 46.46 -50.92
N PHE B 60 -0.03 45.26 -50.54
CA PHE B 60 -1.39 45.05 -50.04
C PHE B 60 -1.46 45.26 -48.53
N ALA B 61 -2.15 46.32 -48.12
CA ALA B 61 -2.30 46.65 -46.71
C ALA B 61 -3.57 46.01 -46.13
N LEU B 62 -3.45 45.43 -44.95
CA LEU B 62 -4.58 44.78 -44.32
C LEU B 62 -4.52 44.89 -42.81
N TRP B 63 -5.66 45.17 -42.19
CA TRP B 63 -5.72 45.22 -40.73
C TRP B 63 -6.88 44.40 -40.22
N GLU B 64 -7.06 44.39 -38.90
CA GLU B 64 -8.04 43.58 -38.18
C GLU B 64 -7.36 42.21 -38.07
N SER B 65 -6.83 41.94 -36.89
CA SER B 65 -6.10 40.70 -36.62
C SER B 65 -6.69 39.40 -37.16
N ARG B 66 -7.98 39.20 -36.97
CA ARG B 66 -8.62 37.97 -37.42
C ARG B 66 -8.71 37.92 -38.95
N ALA B 67 -8.84 39.07 -39.60
CA ALA B 67 -8.87 39.09 -41.06
C ALA B 67 -7.47 38.73 -41.56
N ILE B 68 -6.46 39.21 -40.84
CA ILE B 68 -5.08 38.93 -41.22
C ILE B 68 -4.79 37.44 -41.04
N CYS B 69 -5.25 36.86 -39.94
CA CYS B 69 -5.03 35.44 -39.70
C CYS B 69 -5.69 34.58 -40.80
N THR B 70 -6.90 34.94 -41.19
CA THR B 70 -7.61 34.18 -42.21
C THR B 70 -6.90 34.34 -43.55
N TYR B 71 -6.39 35.54 -43.82
CA TYR B 71 -5.67 35.82 -45.05
C TYR B 71 -4.42 34.96 -45.16
N LEU B 72 -3.65 34.89 -44.08
CA LEU B 72 -2.43 34.10 -44.10
C LEU B 72 -2.74 32.62 -44.29
N ALA B 73 -3.84 32.17 -43.69
CA ALA B 73 -4.22 30.77 -43.82
C ALA B 73 -4.66 30.44 -45.25
N GLU B 74 -5.49 31.30 -45.83
CA GLU B 74 -5.99 31.09 -47.18
C GLU B 74 -4.93 31.21 -48.28
N LYS B 75 -4.06 32.20 -48.17
CA LYS B 75 -3.04 32.42 -49.19
C LYS B 75 -1.76 31.60 -49.03
N TYR B 76 -1.32 31.40 -47.79
CA TYR B 76 -0.08 30.67 -47.55
C TYR B 76 -0.21 29.31 -46.88
N GLY B 77 -1.40 29.00 -46.38
CA GLY B 77 -1.60 27.73 -45.73
C GLY B 77 -1.90 26.59 -46.69
N LYS B 78 -1.46 25.39 -46.33
CA LYS B 78 -1.69 24.22 -47.16
C LYS B 78 -2.52 23.19 -46.39
N ASP B 79 -2.46 23.27 -45.06
CA ASP B 79 -3.20 22.36 -44.19
C ASP B 79 -4.63 22.84 -44.01
N ASP B 80 -5.56 22.18 -44.69
CA ASP B 80 -6.97 22.53 -44.61
C ASP B 80 -7.52 22.61 -43.19
N LYS B 81 -6.92 21.85 -42.28
CA LYS B 81 -7.39 21.85 -40.89
C LYS B 81 -7.38 23.23 -40.21
N LEU B 82 -6.35 24.03 -40.45
CA LEU B 82 -6.24 25.35 -39.82
C LEU B 82 -7.37 26.30 -40.15
N TYR B 83 -7.93 26.18 -41.36
CA TYR B 83 -9.05 27.01 -41.78
C TYR B 83 -9.71 26.22 -42.91
N PRO B 84 -10.53 25.22 -42.53
CA PRO B 84 -11.27 24.33 -43.43
C PRO B 84 -12.06 25.00 -44.54
N LYS B 85 -12.00 24.41 -45.74
CA LYS B 85 -12.70 24.95 -46.89
C LYS B 85 -14.20 24.62 -46.82
N ASP B 86 -14.54 23.52 -46.17
CA ASP B 86 -15.95 23.14 -46.04
C ASP B 86 -16.70 24.28 -45.38
N PRO B 87 -17.76 24.79 -46.05
CA PRO B 87 -18.57 25.89 -45.54
C PRO B 87 -19.05 25.72 -44.10
N GLN B 88 -19.61 24.56 -43.78
CA GLN B 88 -20.10 24.34 -42.42
C GLN B 88 -18.98 24.44 -41.41
N LYS B 89 -17.91 23.67 -41.63
CA LYS B 89 -16.79 23.71 -40.70
C LYS B 89 -16.16 25.10 -40.61
N ARG B 90 -16.01 25.77 -41.75
CA ARG B 90 -15.43 27.12 -41.74
C ARG B 90 -16.35 28.09 -41.02
N ALA B 91 -17.65 27.85 -41.08
CA ALA B 91 -18.60 28.73 -40.41
C ALA B 91 -18.45 28.69 -38.89
N VAL B 92 -18.23 27.50 -38.35
CA VAL B 92 -18.04 27.38 -36.91
C VAL B 92 -16.78 28.14 -36.53
N VAL B 93 -15.75 27.98 -37.36
CA VAL B 93 -14.50 28.69 -37.10
C VAL B 93 -14.75 30.19 -37.12
N ASN B 94 -15.46 30.67 -38.13
CA ASN B 94 -15.71 32.12 -38.22
C ASN B 94 -16.55 32.62 -37.05
N GLN B 95 -17.55 31.84 -36.64
CA GLN B 95 -18.36 32.27 -35.51
C GLN B 95 -17.48 32.46 -34.28
N ARG B 96 -16.56 31.53 -34.07
CA ARG B 96 -15.67 31.62 -32.91
C ARG B 96 -14.74 32.82 -33.01
N LEU B 97 -14.37 33.19 -34.24
CA LEU B 97 -13.51 34.37 -34.44
C LEU B 97 -14.29 35.61 -34.02
N TYR B 98 -15.55 35.71 -34.43
CA TYR B 98 -16.37 36.86 -34.03
C TYR B 98 -16.60 36.85 -32.53
N PHE B 99 -16.80 35.66 -31.97
CA PHE B 99 -17.00 35.50 -30.54
C PHE B 99 -15.78 36.09 -29.82
N ASP B 100 -14.60 35.66 -30.24
CA ASP B 100 -13.36 36.13 -29.64
C ASP B 100 -13.29 37.66 -29.64
N MET B 101 -13.61 38.29 -30.76
CA MET B 101 -13.57 39.76 -30.82
C MET B 101 -14.69 40.47 -30.04
N GLY B 102 -15.93 40.11 -30.33
CA GLY B 102 -17.06 40.78 -29.70
C GLY B 102 -17.51 40.34 -28.33
N THR B 103 -17.06 39.19 -27.86
CA THR B 103 -17.50 38.73 -26.55
C THR B 103 -16.35 38.45 -25.59
N LEU B 104 -15.48 37.51 -25.93
CA LEU B 104 -14.37 37.14 -25.09
C LEU B 104 -13.36 38.25 -24.81
N TYR B 105 -12.78 38.83 -25.85
CA TYR B 105 -11.81 39.90 -25.60
C TYR B 105 -12.50 41.20 -25.26
N GLN B 106 -13.63 41.47 -25.89
CA GLN B 106 -14.37 42.70 -25.65
C GLN B 106 -14.70 42.91 -24.18
N ARG B 107 -15.21 41.86 -23.53
CA ARG B 107 -15.58 41.97 -22.12
C ARG B 107 -14.35 42.00 -21.21
N PHE B 108 -13.27 41.39 -21.67
CA PHE B 108 -12.02 41.40 -20.93
C PHE B 108 -11.57 42.85 -20.88
N ALA B 109 -11.55 43.49 -22.05
CA ALA B 109 -11.13 44.89 -22.15
C ALA B 109 -12.04 45.81 -21.35
N ASP B 110 -13.35 45.58 -21.43
CA ASP B 110 -14.31 46.41 -20.71
C ASP B 110 -14.12 46.39 -19.21
N TYR B 111 -13.66 45.26 -18.70
CA TYR B 111 -13.44 45.11 -17.27
C TYR B 111 -12.07 45.56 -16.78
N TYR B 112 -11.01 45.17 -17.49
CA TYR B 112 -9.66 45.52 -17.06
C TYR B 112 -9.09 46.86 -17.50
N TYR B 113 -9.40 47.30 -18.71
CA TYR B 113 -8.87 48.57 -19.20
C TYR B 113 -9.14 49.75 -18.26
N PRO B 114 -10.41 49.91 -17.81
CA PRO B 114 -10.67 51.03 -16.91
C PRO B 114 -9.86 51.00 -15.61
N GLN B 115 -9.49 49.80 -15.16
CA GLN B 115 -8.71 49.69 -13.94
C GLN B 115 -7.25 50.03 -14.26
N ILE B 116 -6.80 49.62 -15.43
CA ILE B 116 -5.42 49.86 -15.84
C ILE B 116 -5.14 51.31 -16.25
N PHE B 117 -5.89 51.82 -17.22
CA PHE B 117 -5.65 53.17 -17.70
C PHE B 117 -6.36 54.30 -16.95
N ALA B 118 -7.51 54.02 -16.35
CA ALA B 118 -8.24 55.07 -15.63
C ALA B 118 -8.18 54.96 -14.12
N LYS B 119 -7.58 53.89 -13.62
CA LYS B 119 -7.45 53.67 -12.17
C LYS B 119 -8.82 53.60 -11.51
N GLN B 120 -9.84 53.23 -12.28
CA GLN B 120 -11.19 53.09 -11.76
C GLN B 120 -11.32 51.80 -10.98
N PRO B 121 -12.13 51.79 -9.91
CA PRO B 121 -12.31 50.59 -9.10
C PRO B 121 -12.93 49.47 -9.94
N ALA B 122 -12.64 48.22 -9.59
CA ALA B 122 -13.19 47.09 -10.32
C ALA B 122 -14.71 47.22 -10.39
N ASN B 123 -15.26 47.10 -11.59
CA ASN B 123 -16.69 47.21 -11.81
C ASN B 123 -17.38 45.85 -11.71
N ALA B 124 -18.24 45.68 -10.70
CA ALA B 124 -18.94 44.41 -10.50
C ALA B 124 -19.77 43.95 -11.70
N GLU B 125 -20.47 44.89 -12.32
CA GLU B 125 -21.32 44.60 -13.47
C GLU B 125 -20.51 44.04 -14.63
N ASN B 126 -19.37 44.66 -14.93
CA ASN B 126 -18.55 44.19 -16.04
C ASN B 126 -17.79 42.92 -15.69
N GLU B 127 -17.53 42.70 -14.41
CA GLU B 127 -16.83 41.48 -14.02
C GLU B 127 -17.69 40.29 -14.37
N LYS B 128 -18.99 40.38 -14.06
CA LYS B 128 -19.90 39.29 -14.35
C LYS B 128 -20.03 39.05 -15.85
N LYS B 129 -20.10 40.12 -16.64
CA LYS B 129 -20.19 39.96 -18.09
C LYS B 129 -18.95 39.21 -18.59
N MET B 130 -17.78 39.57 -18.08
CA MET B 130 -16.54 38.90 -18.48
C MET B 130 -16.65 37.43 -18.09
N LYS B 131 -17.09 37.18 -16.87
CA LYS B 131 -17.25 35.82 -16.39
C LYS B 131 -18.18 35.04 -17.31
N ASP B 132 -19.30 35.64 -17.69
CA ASP B 132 -20.26 34.99 -18.59
C ASP B 132 -19.61 34.62 -19.93
N ALA B 133 -18.67 35.42 -20.38
CA ALA B 133 -17.98 35.17 -21.65
C ALA B 133 -17.14 33.92 -21.57
N VAL B 134 -16.38 33.76 -20.49
CA VAL B 134 -15.54 32.59 -20.31
C VAL B 134 -16.45 31.37 -20.16
N ASP B 135 -17.61 31.56 -19.52
CA ASP B 135 -18.58 30.48 -19.32
C ASP B 135 -19.03 29.95 -20.68
N PHE B 136 -19.30 30.87 -21.59
CA PHE B 136 -19.70 30.51 -22.94
C PHE B 136 -18.60 29.66 -23.56
N LEU B 137 -17.37 30.18 -23.52
CA LEU B 137 -16.24 29.46 -24.09
C LEU B 137 -16.14 28.07 -23.47
N ASN B 138 -16.36 27.99 -22.16
CA ASN B 138 -16.30 26.71 -21.48
C ASN B 138 -17.32 25.73 -22.09
N THR B 139 -18.52 26.23 -22.38
CA THR B 139 -19.57 25.41 -22.99
C THR B 139 -19.22 25.01 -24.41
N PHE B 140 -18.61 25.92 -25.15
CA PHE B 140 -18.22 25.64 -26.53
C PHE B 140 -17.24 24.47 -26.55
N LEU B 141 -16.43 24.38 -25.50
CA LEU B 141 -15.41 23.34 -25.39
C LEU B 141 -15.88 22.02 -24.81
N ASP B 142 -17.11 21.97 -24.32
CA ASP B 142 -17.61 20.72 -23.76
C ASP B 142 -17.71 19.70 -24.89
N GLY B 143 -17.04 18.56 -24.72
CA GLY B 143 -17.09 17.54 -25.75
C GLY B 143 -15.90 17.66 -26.69
N HIS B 144 -15.86 18.75 -27.45
CA HIS B 144 -14.77 18.97 -28.39
C HIS B 144 -13.44 19.33 -27.73
N LYS B 145 -12.36 19.00 -28.42
CA LYS B 145 -11.01 19.25 -27.92
C LYS B 145 -10.47 20.62 -28.32
N TYR B 146 -11.06 21.21 -29.36
CA TYR B 146 -10.63 22.53 -29.82
C TYR B 146 -11.83 23.46 -29.81
N VAL B 147 -11.59 24.77 -29.83
CA VAL B 147 -12.69 25.73 -29.77
C VAL B 147 -13.75 25.67 -30.87
N ALA B 148 -13.40 25.22 -32.06
CA ALA B 148 -14.36 25.17 -33.16
C ALA B 148 -14.47 23.80 -33.81
N GLY B 149 -14.02 22.77 -33.12
CA GLY B 149 -14.07 21.44 -33.70
C GLY B 149 -13.07 20.48 -33.10
N ASP B 150 -12.57 19.56 -33.92
CA ASP B 150 -11.65 18.54 -33.45
C ASP B 150 -10.22 18.67 -33.95
N SER B 151 -9.88 19.84 -34.50
CA SER B 151 -8.54 20.08 -35.00
C SER B 151 -8.15 21.54 -34.74
N LEU B 152 -6.86 21.79 -34.56
CA LEU B 152 -6.39 23.15 -34.30
C LEU B 152 -6.64 24.04 -35.51
N THR B 153 -7.32 25.17 -35.28
CA THR B 153 -7.62 26.12 -36.33
C THR B 153 -7.20 27.53 -35.90
N ILE B 154 -7.30 28.51 -36.79
CA ILE B 154 -6.93 29.86 -36.42
C ILE B 154 -7.83 30.40 -35.31
N ALA B 155 -8.94 29.71 -35.04
CA ALA B 155 -9.85 30.13 -33.98
C ALA B 155 -9.17 29.83 -32.64
N ASP B 156 -8.41 28.73 -32.60
CA ASP B 156 -7.71 28.37 -31.38
C ASP B 156 -6.57 29.33 -31.13
N LEU B 157 -5.93 29.76 -32.22
CA LEU B 157 -4.82 30.69 -32.14
C LEU B 157 -5.23 32.04 -31.61
N THR B 158 -6.30 32.60 -32.15
CA THR B 158 -6.75 33.91 -31.67
C THR B 158 -7.31 33.81 -30.26
N VAL B 159 -8.00 32.71 -29.95
CA VAL B 159 -8.55 32.55 -28.61
C VAL B 159 -7.42 32.34 -27.61
N LEU B 160 -6.32 31.73 -28.05
CA LEU B 160 -5.16 31.51 -27.17
C LEU B 160 -4.55 32.85 -26.81
N ALA B 161 -4.38 33.71 -27.81
CA ALA B 161 -3.82 35.02 -27.56
C ALA B 161 -4.70 35.73 -26.52
N THR B 162 -6.01 35.63 -26.67
CA THR B 162 -6.94 36.25 -25.74
C THR B 162 -6.88 35.62 -24.35
N VAL B 163 -7.01 34.30 -24.27
CA VAL B 163 -7.00 33.64 -22.97
C VAL B 163 -5.66 33.77 -22.25
N SER B 164 -4.56 33.79 -22.98
CA SER B 164 -3.25 33.94 -22.34
C SER B 164 -3.20 35.33 -21.70
N THR B 165 -4.03 36.25 -22.20
CA THR B 165 -4.08 37.61 -21.67
C THR B 165 -4.91 37.62 -20.38
N TYR B 166 -5.98 36.83 -20.37
CA TYR B 166 -6.83 36.71 -19.19
C TYR B 166 -5.95 36.20 -18.07
N ASP B 167 -5.11 35.24 -18.42
CA ASP B 167 -4.18 34.61 -17.51
C ASP B 167 -3.23 35.58 -16.81
N VAL B 168 -2.51 36.38 -17.59
CA VAL B 168 -1.56 37.33 -17.02
C VAL B 168 -2.25 38.41 -16.20
N ALA B 169 -3.51 38.69 -16.53
CA ALA B 169 -4.29 39.69 -15.80
C ALA B 169 -4.74 39.13 -14.47
N GLY B 170 -4.52 37.83 -14.26
CA GLY B 170 -4.90 37.22 -13.00
C GLY B 170 -6.29 36.62 -12.92
N PHE B 171 -6.96 36.49 -14.06
CA PHE B 171 -8.30 35.91 -14.08
C PHE B 171 -8.19 34.44 -13.68
N GLU B 172 -9.16 33.97 -12.90
CA GLU B 172 -9.17 32.58 -12.44
C GLU B 172 -9.76 31.62 -13.50
N LEU B 173 -8.90 31.11 -14.38
CA LEU B 173 -9.34 30.20 -15.44
C LEU B 173 -9.67 28.81 -14.90
N ALA B 174 -9.12 28.49 -13.73
CA ALA B 174 -9.34 27.20 -13.09
C ALA B 174 -10.81 26.90 -12.77
N LYS B 175 -11.63 27.94 -12.66
CA LYS B 175 -13.05 27.71 -12.37
C LYS B 175 -13.85 27.38 -13.63
N TYR B 176 -13.15 27.24 -14.74
CA TYR B 176 -13.75 26.89 -16.03
C TYR B 176 -12.93 25.71 -16.59
N PRO B 177 -13.21 24.50 -16.08
CA PRO B 177 -12.55 23.24 -16.44
C PRO B 177 -12.14 23.02 -17.89
N HIS B 178 -13.09 23.15 -18.80
CA HIS B 178 -12.81 22.94 -20.22
C HIS B 178 -11.86 24.01 -20.78
N VAL B 179 -12.02 25.23 -20.31
CA VAL B 179 -11.17 26.31 -20.78
C VAL B 179 -9.75 26.07 -20.29
N ALA B 180 -9.62 25.79 -19.00
CA ALA B 180 -8.32 25.56 -18.38
C ALA B 180 -7.57 24.42 -19.06
N ALA B 181 -8.25 23.31 -19.28
CA ALA B 181 -7.64 22.15 -19.92
C ALA B 181 -7.22 22.44 -21.37
N TRP B 182 -8.09 23.11 -22.11
CA TRP B 182 -7.81 23.47 -23.50
C TRP B 182 -6.60 24.40 -23.57
N TYR B 183 -6.57 25.35 -22.64
CA TYR B 183 -5.50 26.34 -22.55
C TYR B 183 -4.15 25.67 -22.33
N GLU B 184 -4.11 24.74 -21.38
CA GLU B 184 -2.88 24.03 -21.08
C GLU B 184 -2.41 23.25 -22.30
N ARG B 185 -3.36 22.61 -23.00
CA ARG B 185 -3.02 21.84 -24.19
C ARG B 185 -2.56 22.71 -25.35
N THR B 186 -3.33 23.75 -25.65
CA THR B 186 -3.01 24.64 -26.77
C THR B 186 -1.76 25.50 -26.54
N ARG B 187 -1.49 25.87 -25.31
CA ARG B 187 -0.31 26.68 -25.01
C ARG B 187 0.97 25.92 -25.34
N LYS B 188 0.85 24.61 -25.56
CA LYS B 188 2.01 23.79 -25.86
C LYS B 188 1.99 23.18 -27.25
N GLU B 189 0.90 23.42 -27.98
CA GLU B 189 0.78 22.86 -29.31
C GLU B 189 0.57 23.91 -30.39
N ALA B 190 0.50 25.17 -29.99
CA ALA B 190 0.29 26.26 -30.93
C ALA B 190 1.59 26.69 -31.59
N PRO B 191 1.61 26.75 -32.93
CA PRO B 191 2.83 27.16 -33.63
C PRO B 191 3.21 28.56 -33.16
N GLY B 192 4.49 28.77 -32.86
CA GLY B 192 4.93 30.07 -32.41
C GLY B 192 4.56 30.34 -30.96
N ALA B 193 4.27 29.29 -30.21
CA ALA B 193 3.90 29.42 -28.80
C ALA B 193 4.92 30.24 -28.01
N ALA B 194 6.21 30.05 -28.30
CA ALA B 194 7.26 30.77 -27.59
C ALA B 194 7.13 32.27 -27.79
N ILE B 195 6.71 32.69 -28.98
CA ILE B 195 6.56 34.11 -29.26
C ILE B 195 5.43 34.67 -28.39
N ASN B 196 4.34 33.91 -28.28
CA ASN B 196 3.20 34.33 -27.47
C ASN B 196 3.62 34.43 -26.01
N GLU B 197 4.38 33.46 -25.53
CA GLU B 197 4.82 33.49 -24.14
C GLU B 197 5.71 34.69 -23.86
N ALA B 198 6.58 35.06 -24.81
CA ALA B 198 7.46 36.20 -24.63
C ALA B 198 6.63 37.48 -24.67
N GLY B 199 5.63 37.50 -25.53
CA GLY B 199 4.77 38.66 -25.67
C GLY B 199 3.94 39.01 -24.44
N ILE B 200 3.33 38.02 -23.79
CA ILE B 200 2.53 38.31 -22.61
C ILE B 200 3.33 38.94 -21.49
N GLU B 201 4.63 38.66 -21.44
CA GLU B 201 5.46 39.24 -20.39
C GLU B 201 5.50 40.76 -20.56
N GLU B 202 5.32 41.23 -21.78
CA GLU B 202 5.30 42.65 -22.03
C GLU B 202 3.97 43.22 -21.58
N PHE B 203 2.90 42.47 -21.81
CA PHE B 203 1.57 42.92 -21.40
C PHE B 203 1.48 42.92 -19.88
N ARG B 204 2.18 41.97 -19.26
CA ARG B 204 2.19 41.84 -17.81
C ARG B 204 2.62 43.15 -17.15
N LYS B 205 3.41 43.94 -17.88
CA LYS B 205 3.89 45.21 -17.37
C LYS B 205 2.78 46.26 -17.24
N TYR B 206 1.54 45.80 -17.31
CA TYR B 206 0.38 46.69 -17.18
C TYR B 206 -0.22 46.51 -15.79
N PHE B 207 0.11 45.40 -15.15
CA PHE B 207 -0.39 45.09 -13.81
C PHE B 207 0.73 45.14 -12.78
N MET C 1 -17.92 -16.01 -8.39
CA MET C 1 -17.10 -15.46 -7.26
C MET C 1 -17.91 -14.46 -6.44
N ASP C 2 -17.86 -14.60 -5.12
CA ASP C 2 -18.61 -13.71 -4.25
C ASP C 2 -17.80 -12.47 -3.92
N PHE C 3 -18.50 -11.35 -3.80
CA PHE C 3 -17.86 -10.08 -3.51
C PHE C 3 -18.54 -9.38 -2.35
N TYR C 4 -17.92 -9.47 -1.17
CA TYR C 4 -18.47 -8.85 0.03
C TYR C 4 -18.04 -7.39 -0.02
N TYR C 5 -19.03 -6.50 -0.03
CA TYR C 5 -18.73 -5.08 -0.16
C TYR C 5 -19.81 -4.15 0.36
N LEU C 6 -19.57 -2.86 0.13
CA LEU C 6 -20.47 -1.77 0.44
C LEU C 6 -20.27 -0.87 -0.78
N PRO C 7 -21.35 -0.54 -1.49
CA PRO C 7 -21.27 0.30 -2.70
C PRO C 7 -20.53 1.63 -2.56
N GLY C 8 -20.65 2.27 -1.41
CA GLY C 8 -19.99 3.55 -1.22
C GLY C 8 -18.49 3.50 -0.93
N SER C 9 -18.00 2.32 -0.55
CA SER C 9 -16.58 2.14 -0.23
C SER C 9 -15.63 2.26 -1.43
N ALA C 10 -14.62 3.10 -1.29
CA ALA C 10 -13.64 3.33 -2.36
C ALA C 10 -12.93 2.06 -2.77
N PRO C 11 -12.35 1.33 -1.81
CA PRO C 11 -11.66 0.09 -2.19
C PRO C 11 -12.61 -0.88 -2.88
N CYS C 12 -13.88 -0.85 -2.49
CA CYS C 12 -14.85 -1.72 -3.12
C CYS C 12 -15.10 -1.29 -4.57
N ARG C 13 -15.29 0.02 -4.78
CA ARG C 13 -15.52 0.53 -6.11
C ARG C 13 -14.33 0.26 -7.03
N ALA C 14 -13.12 0.27 -6.48
CA ALA C 14 -11.93 0.00 -7.28
C ALA C 14 -12.02 -1.40 -7.88
N VAL C 15 -12.41 -2.36 -7.05
CA VAL C 15 -12.54 -3.73 -7.51
C VAL C 15 -13.68 -3.85 -8.52
N GLN C 16 -14.78 -3.16 -8.28
CA GLN C 16 -15.92 -3.23 -9.21
C GLN C 16 -15.53 -2.76 -10.61
N MET C 17 -14.75 -1.69 -10.69
CA MET C 17 -14.33 -1.19 -11.99
C MET C 17 -13.31 -2.13 -12.64
N THR C 18 -12.45 -2.73 -11.84
CA THR C 18 -11.45 -3.65 -12.38
C THR C 18 -12.17 -4.88 -12.93
N ALA C 19 -13.17 -5.37 -12.19
CA ALA C 19 -13.94 -6.54 -12.63
C ALA C 19 -14.60 -6.25 -13.97
N ALA C 20 -15.12 -5.03 -14.11
CA ALA C 20 -15.80 -4.62 -15.35
C ALA C 20 -14.79 -4.58 -16.50
N ALA C 21 -13.57 -4.19 -16.17
CA ALA C 21 -12.50 -4.06 -17.15
C ALA C 21 -12.06 -5.41 -17.71
N VAL C 22 -12.11 -6.45 -16.87
CA VAL C 22 -11.69 -7.77 -17.32
C VAL C 22 -12.85 -8.68 -17.69
N GLY C 23 -14.07 -8.14 -17.58
CA GLY C 23 -15.25 -8.90 -17.94
C GLY C 23 -15.64 -10.02 -16.97
N VAL C 24 -15.36 -9.82 -15.69
CA VAL C 24 -15.69 -10.80 -14.67
C VAL C 24 -16.93 -10.36 -13.90
N GLU C 25 -17.87 -11.27 -13.74
CA GLU C 25 -19.09 -10.96 -13.03
C GLU C 25 -18.94 -11.27 -11.55
N LEU C 26 -19.26 -10.30 -10.71
CA LEU C 26 -19.15 -10.46 -9.28
C LEU C 26 -20.53 -10.72 -8.67
N ASN C 27 -20.65 -11.76 -7.86
CA ASN C 27 -21.90 -12.04 -7.18
C ASN C 27 -21.81 -11.15 -5.95
N LEU C 28 -22.48 -10.00 -6.00
CA LEU C 28 -22.47 -9.03 -4.92
C LEU C 28 -23.10 -9.49 -3.61
N LYS C 29 -22.39 -9.23 -2.52
CA LYS C 29 -22.85 -9.59 -1.19
C LYS C 29 -22.76 -8.35 -0.30
N LEU C 30 -23.82 -7.56 -0.27
CA LEU C 30 -23.86 -6.34 0.55
C LEU C 30 -23.54 -6.73 2.00
N THR C 31 -22.46 -6.18 2.53
CA THR C 31 -22.06 -6.49 3.90
C THR C 31 -22.18 -5.29 4.82
N ASN C 32 -23.31 -5.25 5.54
CA ASN C 32 -23.64 -4.16 6.46
C ASN C 32 -22.80 -4.21 7.73
N LEU C 33 -21.80 -3.34 7.81
CA LEU C 33 -20.91 -3.27 8.96
C LEU C 33 -21.64 -2.81 10.23
N MET C 34 -22.68 -2.01 10.06
CA MET C 34 -23.41 -1.51 11.21
C MET C 34 -24.33 -2.57 11.81
N ALA C 35 -24.40 -3.73 11.16
CA ALA C 35 -25.19 -4.84 11.65
C ALA C 35 -24.22 -5.97 12.00
N GLY C 36 -22.93 -5.62 12.02
CA GLY C 36 -21.88 -6.58 12.35
C GLY C 36 -21.77 -7.78 11.44
N GLU C 37 -22.20 -7.66 10.19
CA GLU C 37 -22.15 -8.79 9.27
C GLU C 37 -20.74 -9.24 8.92
N HIS C 38 -19.77 -8.36 9.11
CA HIS C 38 -18.38 -8.69 8.83
C HIS C 38 -17.79 -9.44 10.02
N MET C 39 -18.54 -9.45 11.13
CA MET C 39 -18.08 -10.14 12.35
C MET C 39 -18.76 -11.49 12.57
N LYS C 40 -19.53 -11.96 11.60
CA LYS C 40 -20.20 -13.25 11.68
C LYS C 40 -19.12 -14.34 11.64
N PRO C 41 -19.34 -15.44 12.37
CA PRO C 41 -18.40 -16.56 12.42
C PRO C 41 -18.02 -17.04 11.02
N GLU C 42 -19.01 -17.10 10.13
CA GLU C 42 -18.76 -17.56 8.78
C GLU C 42 -17.87 -16.60 7.99
N PHE C 43 -17.99 -15.30 8.26
CA PHE C 43 -17.15 -14.34 7.55
C PHE C 43 -15.73 -14.37 8.07
N LEU C 44 -15.57 -14.56 9.37
CA LEU C 44 -14.24 -14.62 9.97
C LEU C 44 -13.47 -15.83 9.45
N LYS C 45 -14.20 -16.87 9.04
CA LYS C 45 -13.53 -18.06 8.53
C LYS C 45 -12.97 -17.81 7.14
N ILE C 46 -13.60 -16.88 6.42
CA ILE C 46 -13.17 -16.51 5.07
C ILE C 46 -12.10 -15.43 5.15
N ASN C 47 -12.25 -14.52 6.12
CA ASN C 47 -11.32 -13.41 6.29
C ASN C 47 -11.15 -13.04 7.78
N PRO C 48 -10.11 -13.55 8.44
CA PRO C 48 -9.84 -13.28 9.86
C PRO C 48 -9.67 -11.80 10.17
N GLN C 49 -9.34 -11.00 9.17
CA GLN C 49 -9.17 -9.57 9.40
C GLN C 49 -10.53 -8.86 9.28
N HIS C 50 -11.59 -9.64 9.04
CA HIS C 50 -12.96 -9.13 8.94
C HIS C 50 -13.13 -7.76 8.30
N CYS C 51 -12.67 -7.60 7.07
CA CYS C 51 -12.77 -6.33 6.38
C CYS C 51 -13.25 -6.53 4.95
N ILE C 52 -13.82 -5.48 4.37
CA ILE C 52 -14.29 -5.52 3.00
C ILE C 52 -13.48 -4.47 2.24
N PRO C 53 -13.28 -4.66 0.93
CA PRO C 53 -13.75 -5.78 0.11
C PRO C 53 -13.06 -7.12 0.36
N THR C 54 -13.84 -8.19 0.19
CA THR C 54 -13.31 -9.55 0.30
C THR C 54 -13.87 -10.30 -0.89
N LEU C 55 -13.00 -10.97 -1.63
CA LEU C 55 -13.43 -11.75 -2.78
C LEU C 55 -13.24 -13.23 -2.51
N VAL C 56 -14.17 -14.05 -2.99
CA VAL C 56 -14.07 -15.49 -2.84
C VAL C 56 -14.30 -16.06 -4.23
N ASP C 57 -13.23 -16.58 -4.81
CA ASP C 57 -13.26 -17.14 -6.16
C ASP C 57 -13.11 -18.65 -6.10
N ASN C 58 -14.25 -19.35 -6.20
CA ASN C 58 -14.25 -20.81 -6.14
C ASN C 58 -13.43 -21.33 -4.96
N GLY C 59 -13.75 -20.87 -3.76
CA GLY C 59 -13.04 -21.34 -2.57
C GLY C 59 -11.83 -20.53 -2.15
N PHE C 60 -11.25 -19.77 -3.07
CA PHE C 60 -10.09 -18.95 -2.78
C PHE C 60 -10.50 -17.60 -2.21
N ALA C 61 -10.17 -17.35 -0.95
CA ALA C 61 -10.53 -16.09 -0.29
C ALA C 61 -9.40 -15.08 -0.44
N LEU C 62 -9.77 -13.83 -0.70
CA LEU C 62 -8.77 -12.79 -0.88
C LEU C 62 -9.30 -11.43 -0.48
N TRP C 63 -8.47 -10.65 0.20
CA TRP C 63 -8.86 -9.30 0.57
C TRP C 63 -7.73 -8.32 0.25
N GLU C 64 -7.96 -7.05 0.60
CA GLU C 64 -7.08 -5.92 0.28
C GLU C 64 -7.45 -5.61 -1.18
N SER C 65 -8.22 -4.56 -1.36
CA SER C 65 -8.70 -4.13 -2.67
C SER C 65 -7.70 -4.15 -3.81
N ARG C 66 -6.53 -3.59 -3.58
CA ARG C 66 -5.51 -3.53 -4.62
C ARG C 66 -4.92 -4.90 -4.96
N ALA C 67 -4.93 -5.81 -4.01
CA ALA C 67 -4.45 -7.18 -4.26
C ALA C 67 -5.53 -7.87 -5.09
N ILE C 68 -6.79 -7.56 -4.78
CA ILE C 68 -7.90 -8.15 -5.53
C ILE C 68 -7.84 -7.65 -6.97
N CYS C 69 -7.66 -6.34 -7.13
CA CYS C 69 -7.57 -5.75 -8.47
C CYS C 69 -6.45 -6.37 -9.31
N THR C 70 -5.30 -6.61 -8.70
CA THR C 70 -4.17 -7.18 -9.41
C THR C 70 -4.44 -8.65 -9.76
N TYR C 71 -5.13 -9.33 -8.85
CA TYR C 71 -5.48 -10.73 -9.04
C TYR C 71 -6.42 -10.89 -10.23
N LEU C 72 -7.43 -10.03 -10.31
CA LEU C 72 -8.38 -10.11 -11.40
C LEU C 72 -7.69 -9.83 -12.73
N ALA C 73 -6.79 -8.85 -12.73
CA ALA C 73 -6.08 -8.51 -13.95
C ALA C 73 -5.18 -9.65 -14.43
N GLU C 74 -4.42 -10.22 -13.51
CA GLU C 74 -3.51 -11.31 -13.87
C GLU C 74 -4.19 -12.62 -14.27
N LYS C 75 -5.29 -12.96 -13.60
CA LYS C 75 -5.98 -14.21 -13.90
C LYS C 75 -6.99 -14.13 -15.03
N TYR C 76 -7.75 -13.04 -15.09
CA TYR C 76 -8.78 -12.91 -16.12
C TYR C 76 -8.51 -11.87 -17.20
N GLY C 77 -7.54 -11.01 -16.97
CA GLY C 77 -7.23 -9.98 -17.95
C GLY C 77 -6.42 -10.50 -19.12
N LYS C 78 -6.68 -9.94 -20.30
CA LYS C 78 -5.97 -10.31 -21.51
C LYS C 78 -5.15 -9.13 -22.03
N ASP C 79 -5.60 -7.92 -21.67
CA ASP C 79 -4.93 -6.69 -22.09
C ASP C 79 -3.74 -6.36 -21.18
N ASP C 80 -2.53 -6.59 -21.68
CA ASP C 80 -1.32 -6.32 -20.90
C ASP C 80 -1.24 -4.88 -20.40
N LYS C 81 -1.96 -3.97 -21.05
CA LYS C 81 -1.94 -2.57 -20.62
C LYS C 81 -2.43 -2.35 -19.19
N LEU C 82 -3.57 -2.93 -18.84
CA LEU C 82 -4.15 -2.77 -17.50
C LEU C 82 -3.19 -3.10 -16.36
N TYR C 83 -2.28 -4.01 -16.61
CA TYR C 83 -1.29 -4.41 -15.61
C TYR C 83 -0.15 -5.06 -16.41
N PRO C 84 0.77 -4.24 -16.93
CA PRO C 84 1.91 -4.67 -17.74
C PRO C 84 2.79 -5.74 -17.12
N LYS C 85 3.18 -6.72 -17.95
CA LYS C 85 4.04 -7.81 -17.49
C LYS C 85 5.48 -7.33 -17.34
N ASP C 86 5.87 -6.34 -18.14
CA ASP C 86 7.23 -5.81 -18.07
C ASP C 86 7.51 -5.31 -16.66
N PRO C 87 8.56 -5.83 -16.01
CA PRO C 87 8.92 -5.43 -14.66
C PRO C 87 8.95 -3.92 -14.39
N GLN C 88 9.63 -3.16 -15.23
CA GLN C 88 9.69 -1.72 -15.02
C GLN C 88 8.33 -1.06 -15.05
N LYS C 89 7.56 -1.30 -16.11
CA LYS C 89 6.23 -0.70 -16.21
C LYS C 89 5.31 -1.15 -15.09
N ARG C 90 5.39 -2.42 -14.71
CA ARG C 90 4.57 -2.92 -13.62
C ARG C 90 4.99 -2.28 -12.30
N ALA C 91 6.29 -2.06 -12.14
CA ALA C 91 6.80 -1.48 -10.91
C ALA C 91 6.21 -0.10 -10.67
N VAL C 92 6.11 0.70 -11.73
CA VAL C 92 5.53 2.03 -11.59
C VAL C 92 4.07 1.90 -11.19
N VAL C 93 3.37 0.92 -11.78
CA VAL C 93 1.98 0.71 -11.42
C VAL C 93 1.88 0.33 -9.95
N ASN C 94 2.68 -0.64 -9.53
CA ASN C 94 2.66 -1.06 -8.14
C ASN C 94 2.98 0.09 -7.19
N GLN C 95 3.96 0.93 -7.54
CA GLN C 95 4.29 2.05 -6.67
C GLN C 95 3.08 2.96 -6.52
N ARG C 96 2.36 3.18 -7.61
CA ARG C 96 1.16 4.04 -7.56
C ARG C 96 0.06 3.38 -6.72
N LEU C 97 0.01 2.05 -6.71
CA LEU C 97 -0.99 1.35 -5.92
C LEU C 97 -0.67 1.57 -4.44
N TYR C 98 0.60 1.46 -4.07
CA TYR C 98 0.98 1.69 -2.68
C TYR C 98 0.73 3.15 -2.30
N PHE C 99 1.04 4.06 -3.22
CA PHE C 99 0.81 5.49 -3.00
C PHE C 99 -0.66 5.73 -2.68
N ASP C 100 -1.53 5.14 -3.50
CA ASP C 100 -2.96 5.31 -3.32
C ASP C 100 -3.39 4.87 -1.93
N MET C 101 -2.88 3.75 -1.46
CA MET C 101 -3.24 3.28 -0.12
C MET C 101 -2.61 4.09 1.02
N GLY C 102 -1.28 4.16 1.01
CA GLY C 102 -0.57 4.82 2.09
C GLY C 102 -0.46 6.34 2.11
N THR C 103 -0.74 6.98 0.99
CA THR C 103 -0.62 8.43 0.93
C THR C 103 -1.90 9.16 0.54
N LEU C 104 -2.43 8.86 -0.65
CA LEU C 104 -3.64 9.52 -1.14
C LEU C 104 -4.91 9.23 -0.33
N TYR C 105 -5.26 7.96 -0.17
CA TYR C 105 -6.46 7.66 0.60
C TYR C 105 -6.20 7.80 2.09
N GLN C 106 -5.04 7.34 2.54
CA GLN C 106 -4.72 7.41 3.96
C GLN C 106 -4.87 8.80 4.54
N ARG C 107 -4.41 9.82 3.80
CA ARG C 107 -4.50 11.19 4.29
C ARG C 107 -5.89 11.79 4.18
N PHE C 108 -6.65 11.29 3.21
CA PHE C 108 -8.03 11.74 3.01
C PHE C 108 -8.81 11.26 4.23
N ALA C 109 -8.58 10.00 4.59
CA ALA C 109 -9.26 9.41 5.74
C ALA C 109 -8.84 10.10 7.04
N ASP C 110 -7.54 10.33 7.20
CA ASP C 110 -7.06 11.00 8.40
C ASP C 110 -7.70 12.36 8.62
N TYR C 111 -8.00 13.05 7.53
CA TYR C 111 -8.61 14.37 7.63
C TYR C 111 -10.13 14.39 7.75
N TYR C 112 -10.82 13.59 6.94
CA TYR C 112 -12.27 13.59 6.96
C TYR C 112 -12.95 12.66 7.96
N TYR C 113 -12.39 11.49 8.22
CA TYR C 113 -13.00 10.56 9.16
C TYR C 113 -13.27 11.14 10.54
N PRO C 114 -12.30 11.84 11.15
CA PRO C 114 -12.60 12.39 12.48
C PRO C 114 -13.72 13.42 12.47
N GLN C 115 -13.92 14.08 11.34
CA GLN C 115 -14.98 15.08 11.23
C GLN C 115 -16.32 14.38 11.07
N ILE C 116 -16.33 13.33 10.26
CA ILE C 116 -17.55 12.58 9.99
C ILE C 116 -18.04 11.76 11.18
N PHE C 117 -17.16 10.89 11.68
CA PHE C 117 -17.54 10.01 12.76
C PHE C 117 -17.39 10.54 14.17
N ALA C 118 -16.41 11.39 14.40
CA ALA C 118 -16.20 11.95 15.73
C ALA C 118 -16.69 13.38 15.89
N LYS C 119 -17.11 14.01 14.80
CA LYS C 119 -17.60 15.39 14.85
C LYS C 119 -16.51 16.31 15.37
N GLN C 120 -15.27 15.95 15.09
CA GLN C 120 -14.13 16.75 15.53
C GLN C 120 -13.94 17.91 14.55
N PRO C 121 -13.46 19.06 15.03
CA PRO C 121 -13.25 20.22 14.16
C PRO C 121 -12.19 19.89 13.10
N ALA C 122 -12.32 20.51 11.92
CA ALA C 122 -11.36 20.27 10.85
C ALA C 122 -9.96 20.53 11.40
N ASN C 123 -9.08 19.55 11.24
CA ASN C 123 -7.71 19.64 11.73
C ASN C 123 -6.76 20.24 10.68
N ALA C 124 -6.23 21.42 10.98
CA ALA C 124 -5.34 22.11 10.04
C ALA C 124 -4.09 21.31 9.67
N GLU C 125 -3.51 20.61 10.64
CA GLU C 125 -2.31 19.82 10.40
C GLU C 125 -2.58 18.73 9.36
N ASN C 126 -3.66 17.99 9.54
CA ASN C 126 -3.98 16.92 8.61
C ASN C 126 -4.52 17.42 7.27
N GLU C 127 -5.05 18.64 7.24
CA GLU C 127 -5.57 19.19 6.00
C GLU C 127 -4.40 19.39 5.03
N LYS C 128 -3.31 19.94 5.56
CA LYS C 128 -2.14 20.18 4.74
C LYS C 128 -1.52 18.88 4.24
N LYS C 129 -1.40 17.90 5.12
CA LYS C 129 -0.85 16.61 4.69
C LYS C 129 -1.70 16.06 3.56
N MET C 130 -3.02 16.25 3.64
CA MET C 130 -3.89 15.75 2.58
C MET C 130 -3.60 16.52 1.27
N LYS C 131 -3.50 17.85 1.37
CA LYS C 131 -3.20 18.64 0.19
C LYS C 131 -1.87 18.19 -0.41
N ASP C 132 -0.87 17.94 0.44
CA ASP C 132 0.46 17.50 -0.01
C ASP C 132 0.36 16.23 -0.84
N ALA C 133 -0.58 15.36 -0.48
CA ALA C 133 -0.79 14.10 -1.17
C ALA C 133 -1.32 14.35 -2.58
N VAL C 134 -2.31 15.22 -2.70
CA VAL C 134 -2.87 15.51 -4.01
C VAL C 134 -1.83 16.21 -4.87
N ASP C 135 -1.00 17.04 -4.24
CA ASP C 135 0.06 17.75 -4.97
C ASP C 135 1.01 16.73 -5.59
N PHE C 136 1.35 15.69 -4.83
CA PHE C 136 2.24 14.65 -5.34
C PHE C 136 1.60 14.05 -6.58
N LEU C 137 0.38 13.56 -6.41
CA LEU C 137 -0.35 12.95 -7.53
C LEU C 137 -0.33 13.89 -8.73
N ASN C 138 -0.52 15.18 -8.49
CA ASN C 138 -0.50 16.16 -9.56
C ASN C 138 0.83 16.09 -10.30
N THR C 139 1.93 16.03 -9.54
CA THR C 139 3.27 15.95 -10.12
C THR C 139 3.45 14.65 -10.90
N PHE C 140 2.90 13.57 -10.38
CA PHE C 140 3.00 12.27 -11.05
C PHE C 140 2.36 12.36 -12.42
N LEU C 141 1.28 13.13 -12.51
CA LEU C 141 0.54 13.30 -13.75
C LEU C 141 1.11 14.30 -14.74
N ASP C 142 2.06 15.11 -14.32
CA ASP C 142 2.64 16.09 -15.23
C ASP C 142 3.29 15.33 -16.39
N GLY C 143 2.76 15.53 -17.59
CA GLY C 143 3.29 14.85 -18.76
C GLY C 143 2.38 13.72 -19.20
N HIS C 144 2.53 12.55 -18.58
CA HIS C 144 1.73 11.39 -18.91
C HIS C 144 0.26 11.66 -18.60
N LYS C 145 -0.64 11.13 -19.41
CA LYS C 145 -2.06 11.35 -19.18
C LYS C 145 -2.68 10.33 -18.23
N TYR C 146 -1.88 9.36 -17.78
CA TYR C 146 -2.38 8.37 -16.83
C TYR C 146 -1.48 8.35 -15.60
N VAL C 147 -2.04 7.89 -14.49
CA VAL C 147 -1.32 7.85 -13.23
C VAL C 147 0.06 7.17 -13.22
N ALA C 148 0.24 6.13 -14.01
CA ALA C 148 1.53 5.43 -14.02
C ALA C 148 2.09 5.20 -15.41
N GLY C 149 1.75 6.07 -16.36
CA GLY C 149 2.25 5.90 -17.69
C GLY C 149 1.34 6.46 -18.76
N ASP C 150 1.35 5.84 -19.94
CA ASP C 150 0.55 6.33 -21.05
C ASP C 150 -0.64 5.43 -21.43
N SER C 151 -0.99 4.51 -20.55
CA SER C 151 -2.10 3.60 -20.78
C SER C 151 -2.92 3.45 -19.50
N LEU C 152 -4.23 3.29 -19.63
CA LEU C 152 -5.09 3.13 -18.45
C LEU C 152 -4.72 1.81 -17.76
N THR C 153 -4.41 1.87 -16.47
CA THR C 153 -4.04 0.67 -15.72
C THR C 153 -4.90 0.53 -14.46
N ILE C 154 -4.70 -0.57 -13.73
CA ILE C 154 -5.49 -0.74 -12.52
C ILE C 154 -5.14 0.34 -11.50
N ALA C 155 -4.04 1.06 -11.74
CA ALA C 155 -3.64 2.14 -10.84
C ALA C 155 -4.58 3.32 -11.06
N ASP C 156 -5.00 3.52 -12.31
CA ASP C 156 -5.92 4.61 -12.61
C ASP C 156 -7.28 4.32 -12.00
N LEU C 157 -7.64 3.05 -12.01
CA LEU C 157 -8.92 2.60 -11.47
C LEU C 157 -9.01 2.80 -9.96
N THR C 158 -7.96 2.42 -9.24
CA THR C 158 -8.00 2.58 -7.79
C THR C 158 -7.90 4.06 -7.42
N VAL C 159 -7.06 4.80 -8.14
CA VAL C 159 -6.92 6.23 -7.85
C VAL C 159 -8.23 6.96 -8.18
N LEU C 160 -8.98 6.46 -9.15
CA LEU C 160 -10.25 7.07 -9.52
C LEU C 160 -11.22 6.88 -8.36
N ALA C 161 -11.26 5.66 -7.84
CA ALA C 161 -12.14 5.35 -6.73
C ALA C 161 -11.81 6.30 -5.57
N THR C 162 -10.52 6.55 -5.35
CA THR C 162 -10.10 7.44 -4.29
C THR C 162 -10.43 8.91 -4.58
N VAL C 163 -10.01 9.40 -5.74
CA VAL C 163 -10.26 10.79 -6.08
C VAL C 163 -11.74 11.11 -6.22
N SER C 164 -12.55 10.14 -6.66
CA SER C 164 -13.98 10.41 -6.79
C SER C 164 -14.53 10.62 -5.38
N THR C 165 -13.82 10.11 -4.38
CA THR C 165 -14.25 10.25 -2.99
C THR C 165 -13.86 11.64 -2.47
N TYR C 166 -12.72 12.13 -2.93
CA TYR C 166 -12.26 13.46 -2.54
C TYR C 166 -13.29 14.46 -3.05
N ASP C 167 -13.75 14.22 -4.27
CA ASP C 167 -14.72 15.06 -4.93
C ASP C 167 -16.02 15.19 -4.12
N VAL C 168 -16.61 14.06 -3.74
CA VAL C 168 -17.86 14.08 -2.97
C VAL C 168 -17.70 14.71 -1.60
N ALA C 169 -16.48 14.64 -1.06
CA ALA C 169 -16.17 15.21 0.24
C ALA C 169 -16.06 16.73 0.12
N GLY C 170 -16.01 17.23 -1.11
CA GLY C 170 -15.91 18.66 -1.33
C GLY C 170 -14.51 19.21 -1.47
N PHE C 171 -13.52 18.32 -1.59
CA PHE C 171 -12.15 18.78 -1.76
C PHE C 171 -12.06 19.49 -3.10
N GLU C 172 -11.37 20.63 -3.13
CA GLU C 172 -11.23 21.40 -4.36
C GLU C 172 -10.14 20.81 -5.27
N LEU C 173 -10.53 19.90 -6.16
CA LEU C 173 -9.59 19.28 -7.08
C LEU C 173 -9.10 20.23 -8.16
N ALA C 174 -9.87 21.29 -8.39
CA ALA C 174 -9.52 22.30 -9.39
C ALA C 174 -8.16 22.93 -9.15
N LYS C 175 -7.74 23.04 -7.89
CA LYS C 175 -6.44 23.64 -7.59
C LYS C 175 -5.25 22.73 -7.94
N TYR C 176 -5.54 21.60 -8.57
CA TYR C 176 -4.51 20.65 -9.00
C TYR C 176 -4.82 20.28 -10.44
N PRO C 177 -4.48 21.18 -11.38
CA PRO C 177 -4.69 21.08 -12.83
C PRO C 177 -4.56 19.71 -13.49
N HIS C 178 -3.46 19.01 -13.24
CA HIS C 178 -3.25 17.70 -13.83
C HIS C 178 -4.21 16.68 -13.26
N VAL C 179 -4.45 16.78 -11.96
CA VAL C 179 -5.36 15.84 -11.30
C VAL C 179 -6.76 16.08 -11.84
N ALA C 180 -7.18 17.33 -11.89
CA ALA C 180 -8.51 17.68 -12.37
C ALA C 180 -8.76 17.14 -13.79
N ALA C 181 -7.82 17.40 -14.70
CA ALA C 181 -7.97 16.95 -16.08
C ALA C 181 -8.00 15.43 -16.19
N TRP C 182 -7.11 14.76 -15.46
CA TRP C 182 -7.05 13.30 -15.48
C TRP C 182 -8.37 12.72 -14.97
N TYR C 183 -8.91 13.34 -13.93
CA TYR C 183 -10.15 12.92 -13.31
C TYR C 183 -11.32 13.00 -14.29
N GLU C 184 -11.40 14.13 -14.99
CA GLU C 184 -12.45 14.36 -15.98
C GLU C 184 -12.35 13.32 -17.10
N ARG C 185 -11.13 13.00 -17.51
CA ARG C 185 -10.92 12.02 -18.58
C ARG C 185 -11.23 10.60 -18.12
N THR C 186 -10.64 10.22 -16.99
CA THR C 186 -10.78 8.88 -16.45
C THR C 186 -12.17 8.51 -15.94
N ARG C 187 -12.88 9.48 -15.37
CA ARG C 187 -14.22 9.21 -14.86
C ARG C 187 -15.17 8.82 -15.99
N LYS C 188 -14.76 9.08 -17.23
CA LYS C 188 -15.59 8.77 -18.38
C LYS C 188 -15.04 7.62 -19.23
N GLU C 189 -13.81 7.24 -18.99
CA GLU C 189 -13.19 6.16 -19.76
C GLU C 189 -12.91 4.90 -18.95
N ALA C 190 -13.22 4.93 -17.67
CA ALA C 190 -13.01 3.78 -16.79
C ALA C 190 -14.11 2.75 -16.94
N PRO C 191 -13.74 1.46 -17.15
CA PRO C 191 -14.78 0.43 -17.27
C PRO C 191 -15.62 0.41 -15.99
N GLY C 192 -16.93 0.31 -16.13
CA GLY C 192 -17.80 0.28 -14.98
C GLY C 192 -17.91 1.62 -14.29
N ALA C 193 -17.60 2.69 -15.03
CA ALA C 193 -17.66 4.03 -14.46
C ALA C 193 -19.04 4.35 -13.86
N ALA C 194 -20.10 3.83 -14.46
CA ALA C 194 -21.45 4.11 -13.97
C ALA C 194 -21.67 3.50 -12.59
N ILE C 195 -21.01 2.38 -12.30
CA ILE C 195 -21.13 1.75 -10.98
C ILE C 195 -20.43 2.63 -9.96
N ASN C 196 -19.29 3.18 -10.34
CA ASN C 196 -18.54 4.06 -9.45
C ASN C 196 -19.38 5.28 -9.12
N GLU C 197 -19.96 5.87 -10.14
CA GLU C 197 -20.79 7.06 -9.94
C GLU C 197 -21.98 6.81 -9.03
N ALA C 198 -22.58 5.62 -9.14
CA ALA C 198 -23.73 5.29 -8.30
C ALA C 198 -23.29 5.01 -6.87
N GLY C 199 -22.17 4.32 -6.73
CA GLY C 199 -21.67 4.01 -5.40
C GLY C 199 -21.27 5.26 -4.63
N ILE C 200 -20.80 6.26 -5.37
CA ILE C 200 -20.39 7.53 -4.78
C ILE C 200 -21.55 8.23 -4.08
N GLU C 201 -22.76 8.08 -4.61
CA GLU C 201 -23.92 8.71 -4.01
C GLU C 201 -24.21 8.15 -2.63
N GLU C 202 -23.80 6.91 -2.40
CA GLU C 202 -24.02 6.29 -1.09
C GLU C 202 -23.03 6.86 -0.09
N PHE C 203 -21.80 7.11 -0.53
CA PHE C 203 -20.79 7.66 0.36
C PHE C 203 -21.14 9.10 0.73
N ARG C 204 -21.75 9.81 -0.22
CA ARG C 204 -22.15 11.19 -0.02
C ARG C 204 -23.03 11.35 1.22
N LYS C 205 -23.76 10.31 1.56
CA LYS C 205 -24.64 10.33 2.72
C LYS C 205 -23.87 10.42 4.03
N TYR C 206 -22.58 10.72 3.95
CA TYR C 206 -21.74 10.87 5.14
C TYR C 206 -21.53 12.36 5.43
N PHE C 207 -21.81 13.19 4.43
CA PHE C 207 -21.68 14.63 4.58
C PHE C 207 -23.06 15.24 4.53
N MET D 1 23.43 -0.32 -9.27
CA MET D 1 22.16 0.41 -8.98
C MET D 1 22.24 1.16 -7.65
N ASP D 2 21.82 2.41 -7.67
CA ASP D 2 21.85 3.26 -6.47
C ASP D 2 20.69 3.00 -5.52
N PHE D 3 20.99 3.03 -4.23
CA PHE D 3 19.98 2.79 -3.21
C PHE D 3 20.06 3.88 -2.14
N TYR D 4 19.14 4.83 -2.20
CA TYR D 4 19.11 5.90 -1.22
C TYR D 4 18.40 5.36 0.01
N TYR D 5 19.10 5.34 1.14
CA TYR D 5 18.54 4.74 2.34
C TYR D 5 19.15 5.23 3.63
N LEU D 6 18.67 4.63 4.72
CA LEU D 6 19.15 4.87 6.07
C LEU D 6 19.05 3.45 6.65
N PRO D 7 20.11 2.95 7.27
CA PRO D 7 20.08 1.59 7.84
C PRO D 7 18.97 1.27 8.84
N GLY D 8 18.57 2.25 9.64
CA GLY D 8 17.53 2.02 10.61
C GLY D 8 16.12 1.98 10.06
N SER D 9 15.95 2.49 8.84
CA SER D 9 14.64 2.52 8.20
C SER D 9 14.12 1.14 7.80
N ALA D 10 12.94 0.78 8.33
CA ALA D 10 12.34 -0.51 8.03
C ALA D 10 12.10 -0.78 6.54
N PRO D 11 11.47 0.16 5.83
CA PRO D 11 11.26 -0.10 4.40
C PRO D 11 12.57 -0.27 3.63
N CYS D 12 13.64 0.36 4.11
CA CYS D 12 14.94 0.23 3.46
C CYS D 12 15.49 -1.18 3.71
N ARG D 13 15.38 -1.66 4.94
CA ARG D 13 15.85 -2.99 5.28
C ARG D 13 15.11 -4.08 4.49
N ALA D 14 13.83 -3.84 4.19
CA ALA D 14 13.07 -4.82 3.42
C ALA D 14 13.69 -5.00 2.04
N VAL D 15 14.12 -3.89 1.45
CA VAL D 15 14.73 -3.93 0.14
C VAL D 15 16.12 -4.57 0.21
N GLN D 16 16.86 -4.29 1.28
CA GLN D 16 18.19 -4.87 1.41
C GLN D 16 18.15 -6.39 1.52
N MET D 17 17.16 -6.91 2.25
CA MET D 17 17.04 -8.35 2.38
C MET D 17 16.58 -8.99 1.07
N THR D 18 15.71 -8.29 0.36
CA THR D 18 15.22 -8.80 -0.92
C THR D 18 16.38 -8.84 -1.92
N ALA D 19 17.19 -7.78 -1.94
CA ALA D 19 18.33 -7.71 -2.83
C ALA D 19 19.28 -8.87 -2.54
N ALA D 20 19.53 -9.10 -1.25
CA ALA D 20 20.42 -10.19 -0.85
C ALA D 20 19.85 -11.52 -1.31
N ALA D 21 18.54 -11.65 -1.25
CA ALA D 21 17.86 -12.88 -1.65
C ALA D 21 18.02 -13.19 -3.13
N VAL D 22 18.08 -12.16 -3.95
CA VAL D 22 18.22 -12.37 -5.40
C VAL D 22 19.61 -12.08 -5.94
N GLY D 23 20.57 -11.84 -5.05
CA GLY D 23 21.93 -11.59 -5.48
C GLY D 23 22.17 -10.28 -6.23
N VAL D 24 21.44 -9.24 -5.85
CA VAL D 24 21.61 -7.94 -6.48
C VAL D 24 22.41 -7.07 -5.52
N GLU D 25 23.51 -6.49 -6.01
CA GLU D 25 24.32 -5.63 -5.17
C GLU D 25 23.80 -4.21 -5.25
N LEU D 26 23.67 -3.58 -4.09
CA LEU D 26 23.16 -2.22 -4.01
C LEU D 26 24.25 -1.24 -3.65
N ASN D 27 24.38 -0.17 -4.44
CA ASN D 27 25.36 0.86 -4.16
C ASN D 27 24.69 1.76 -3.12
N LEU D 28 25.08 1.57 -1.86
CA LEU D 28 24.51 2.32 -0.75
C LEU D 28 24.78 3.82 -0.74
N LYS D 29 23.72 4.60 -0.67
CA LYS D 29 23.81 6.05 -0.65
C LYS D 29 23.09 6.56 0.60
N LEU D 30 23.82 6.72 1.69
CA LEU D 30 23.23 7.21 2.94
C LEU D 30 22.54 8.54 2.68
N THR D 31 21.27 8.62 3.02
CA THR D 31 20.49 9.84 2.83
C THR D 31 19.93 10.20 4.19
N ASN D 32 20.65 11.08 4.89
CA ASN D 32 20.27 11.50 6.24
C ASN D 32 19.08 12.46 6.24
N LEU D 33 17.94 11.96 6.69
CA LEU D 33 16.73 12.74 6.75
C LEU D 33 16.86 13.90 7.74
N MET D 34 17.56 13.68 8.84
CA MET D 34 17.73 14.72 9.85
C MET D 34 18.57 15.88 9.35
N ALA D 35 19.25 15.69 8.22
CA ALA D 35 20.08 16.74 7.64
C ALA D 35 19.42 17.28 6.37
N GLY D 36 18.21 16.80 6.09
CA GLY D 36 17.44 17.25 4.94
C GLY D 36 17.99 16.85 3.58
N GLU D 37 18.77 15.78 3.52
CA GLU D 37 19.35 15.36 2.27
C GLU D 37 18.34 14.78 1.28
N HIS D 38 17.16 14.41 1.76
CA HIS D 38 16.11 13.85 0.91
C HIS D 38 15.35 14.93 0.16
N MET D 39 15.71 16.19 0.41
CA MET D 39 15.05 17.30 -0.26
C MET D 39 16.04 18.10 -1.09
N LYS D 40 17.21 17.53 -1.32
CA LYS D 40 18.23 18.17 -2.16
C LYS D 40 17.65 18.18 -3.57
N PRO D 41 17.92 19.22 -4.35
CA PRO D 41 17.40 19.33 -5.72
C PRO D 41 17.56 18.04 -6.53
N GLU D 42 18.76 17.49 -6.54
CA GLU D 42 19.06 16.29 -7.28
C GLU D 42 18.19 15.08 -6.90
N PHE D 43 17.80 14.99 -5.64
CA PHE D 43 16.98 13.88 -5.18
C PHE D 43 15.52 14.05 -5.58
N LEU D 44 15.02 15.28 -5.48
CA LEU D 44 13.64 15.56 -5.84
C LEU D 44 13.42 15.29 -7.32
N LYS D 45 14.49 15.41 -8.09
CA LYS D 45 14.40 15.18 -9.53
C LYS D 45 14.24 13.70 -9.81
N ILE D 46 14.74 12.87 -8.91
CA ILE D 46 14.64 11.43 -9.07
C ILE D 46 13.37 10.91 -8.40
N ASN D 47 13.01 11.54 -7.28
CA ASN D 47 11.84 11.14 -6.52
C ASN D 47 11.11 12.37 -5.97
N PRO D 48 10.05 12.83 -6.67
CA PRO D 48 9.32 14.01 -6.18
C PRO D 48 8.65 13.83 -4.82
N GLN D 49 8.46 12.58 -4.40
CA GLN D 49 7.84 12.33 -3.10
C GLN D 49 8.91 12.39 -2.01
N HIS D 50 10.14 12.68 -2.43
CA HIS D 50 11.29 12.78 -1.53
C HIS D 50 11.29 11.83 -0.34
N CYS D 51 11.27 10.53 -0.61
CA CYS D 51 11.27 9.54 0.46
C CYS D 51 12.24 8.38 0.20
N ILE D 52 12.64 7.70 1.27
CA ILE D 52 13.54 6.56 1.15
C ILE D 52 12.78 5.33 1.63
N PRO D 53 13.07 4.15 1.06
CA PRO D 53 14.08 3.94 0.02
C PRO D 53 13.70 4.38 -1.38
N THR D 54 14.71 4.73 -2.16
CA THR D 54 14.52 5.09 -3.55
C THR D 54 15.61 4.32 -4.26
N LEU D 55 15.24 3.68 -5.36
CA LEU D 55 16.19 2.89 -6.12
C LEU D 55 16.32 3.48 -7.51
N VAL D 56 17.53 3.43 -8.05
CA VAL D 56 17.79 3.91 -9.39
C VAL D 56 18.58 2.81 -10.07
N ASP D 57 17.91 2.12 -10.99
CA ASP D 57 18.48 1.00 -11.72
C ASP D 57 18.69 1.41 -13.18
N ASN D 58 19.93 1.71 -13.55
CA ASN D 58 20.25 2.16 -14.90
C ASN D 58 19.27 3.18 -15.45
N GLY D 59 19.09 4.27 -14.72
CA GLY D 59 18.20 5.34 -15.14
C GLY D 59 16.77 5.28 -14.66
N PHE D 60 16.31 4.09 -14.30
CA PHE D 60 14.94 3.91 -13.82
C PHE D 60 14.84 4.19 -12.32
N ALA D 61 14.11 5.24 -11.96
CA ALA D 61 13.92 5.61 -10.55
C ALA D 61 12.61 5.03 -10.03
N LEU D 62 12.68 4.43 -8.84
CA LEU D 62 11.52 3.79 -8.24
C LEU D 62 11.54 3.91 -6.71
N TRP D 63 10.37 4.19 -6.12
CA TRP D 63 10.25 4.24 -4.67
C TRP D 63 9.06 3.39 -4.19
N GLU D 64 8.81 3.39 -2.88
CA GLU D 64 7.80 2.54 -2.24
C GLU D 64 8.51 1.20 -2.11
N SER D 65 9.00 0.92 -0.91
CA SER D 65 9.77 -0.29 -0.62
C SER D 65 9.24 -1.61 -1.18
N ARG D 66 7.94 -1.85 -1.04
CA ARG D 66 7.38 -3.11 -1.51
C ARG D 66 7.31 -3.20 -3.03
N ALA D 67 7.21 -2.05 -3.71
CA ALA D 67 7.18 -2.04 -5.16
C ALA D 67 8.62 -2.31 -5.62
N ILE D 68 9.60 -1.87 -4.82
CA ILE D 68 11.01 -2.11 -5.15
C ILE D 68 11.30 -3.59 -4.95
N CYS D 69 10.83 -4.14 -3.84
CA CYS D 69 11.04 -5.56 -3.56
C CYS D 69 10.48 -6.46 -4.65
N THR D 70 9.26 -6.17 -5.10
CA THR D 70 8.65 -6.99 -6.13
C THR D 70 9.34 -6.80 -7.47
N TYR D 71 9.87 -5.60 -7.72
CA TYR D 71 10.58 -5.32 -8.97
C TYR D 71 11.86 -6.16 -9.00
N LEU D 72 12.58 -6.19 -7.89
CA LEU D 72 13.81 -6.96 -7.83
C LEU D 72 13.53 -8.45 -7.95
N ALA D 73 12.42 -8.90 -7.39
CA ALA D 73 12.08 -10.31 -7.47
C ALA D 73 11.67 -10.70 -8.90
N GLU D 74 10.85 -9.88 -9.54
CA GLU D 74 10.41 -10.20 -10.89
C GLU D 74 11.50 -10.09 -11.95
N LYS D 75 12.32 -9.05 -11.87
CA LYS D 75 13.35 -8.84 -12.87
C LYS D 75 14.63 -9.66 -12.68
N TYR D 76 15.08 -9.76 -11.43
CA TYR D 76 16.32 -10.46 -11.14
C TYR D 76 16.20 -11.82 -10.44
N GLY D 77 15.03 -12.11 -9.87
CA GLY D 77 14.84 -13.38 -9.17
C GLY D 77 14.75 -14.59 -10.07
N LYS D 78 15.26 -15.73 -9.58
CA LYS D 78 15.24 -16.97 -10.35
C LYS D 78 14.49 -18.09 -9.62
N ASP D 79 14.12 -17.83 -8.37
CA ASP D 79 13.39 -18.82 -7.58
C ASP D 79 11.93 -18.40 -7.46
N ASP D 80 11.07 -18.99 -8.28
CA ASP D 80 9.65 -18.68 -8.27
C ASP D 80 9.04 -18.68 -6.88
N LYS D 81 9.67 -19.39 -5.95
CA LYS D 81 9.16 -19.45 -4.58
C LYS D 81 9.11 -18.09 -3.90
N LEU D 82 10.19 -17.32 -3.99
CA LEU D 82 10.27 -16.00 -3.38
C LEU D 82 9.11 -15.09 -3.74
N TYR D 83 8.58 -15.25 -4.95
CA TYR D 83 7.46 -14.45 -5.41
C TYR D 83 6.80 -15.21 -6.56
N PRO D 84 5.99 -16.23 -6.22
CA PRO D 84 5.27 -17.10 -7.17
C PRO D 84 4.42 -16.40 -8.23
N LYS D 85 4.61 -16.83 -9.48
CA LYS D 85 3.88 -16.27 -10.62
C LYS D 85 2.42 -16.70 -10.68
N ASP D 86 2.09 -17.84 -10.08
CA ASP D 86 0.71 -18.31 -10.09
C ASP D 86 -0.16 -17.19 -9.52
N PRO D 87 -1.21 -16.78 -10.26
CA PRO D 87 -2.10 -15.72 -9.80
C PRO D 87 -2.62 -15.86 -8.37
N GLN D 88 -3.05 -17.05 -7.97
CA GLN D 88 -3.56 -17.23 -6.61
C GLN D 88 -2.44 -17.13 -5.58
N LYS D 89 -1.35 -17.86 -5.78
CA LYS D 89 -0.24 -17.79 -4.83
C LYS D 89 0.29 -16.36 -4.76
N ARG D 90 0.41 -15.72 -5.92
CA ARG D 90 0.90 -14.35 -5.96
C ARG D 90 -0.05 -13.43 -5.22
N ALA D 91 -1.34 -13.70 -5.37
CA ALA D 91 -2.38 -12.91 -4.73
C ALA D 91 -2.24 -12.90 -3.21
N VAL D 92 -1.94 -14.06 -2.63
CA VAL D 92 -1.78 -14.13 -1.18
C VAL D 92 -0.57 -13.31 -0.76
N VAL D 93 0.55 -13.46 -1.47
CA VAL D 93 1.74 -12.70 -1.14
C VAL D 93 1.42 -11.21 -1.20
N ASN D 94 0.77 -10.79 -2.29
CA ASN D 94 0.41 -9.37 -2.47
C ASN D 94 -0.51 -8.86 -1.38
N GLN D 95 -1.45 -9.68 -0.92
CA GLN D 95 -2.34 -9.21 0.13
C GLN D 95 -1.53 -9.01 1.41
N ARG D 96 -0.55 -9.89 1.63
CA ARG D 96 0.29 -9.77 2.83
C ARG D 96 1.17 -8.52 2.72
N LEU D 97 1.52 -8.13 1.50
CA LEU D 97 2.34 -6.93 1.30
C LEU D 97 1.54 -5.68 1.66
N TYR D 98 0.28 -5.62 1.22
CA TYR D 98 -0.55 -4.48 1.55
C TYR D 98 -0.85 -4.47 3.04
N PHE D 99 -0.93 -5.66 3.64
CA PHE D 99 -1.18 -5.78 5.08
C PHE D 99 0.01 -5.17 5.81
N ASP D 100 1.21 -5.59 5.41
CA ASP D 100 2.42 -5.10 6.04
C ASP D 100 2.49 -3.58 6.00
N MET D 101 2.16 -2.99 4.86
CA MET D 101 2.23 -1.54 4.78
C MET D 101 1.09 -0.78 5.44
N GLY D 102 -0.14 -1.09 5.00
CA GLY D 102 -1.32 -0.41 5.50
C GLY D 102 -1.84 -0.75 6.88
N THR D 103 -1.44 -1.89 7.43
CA THR D 103 -1.93 -2.25 8.75
C THR D 103 -0.79 -2.41 9.75
N LEU D 104 0.08 -3.38 9.53
CA LEU D 104 1.18 -3.65 10.43
C LEU D 104 2.15 -2.49 10.61
N TYR D 105 2.83 -2.08 9.55
CA TYR D 105 3.78 -0.98 9.69
C TYR D 105 3.12 0.38 9.91
N GLN D 106 2.04 0.64 9.20
CA GLN D 106 1.34 1.92 9.34
C GLN D 106 0.99 2.24 10.79
N ARG D 107 0.41 1.25 11.48
CA ARG D 107 0.03 1.45 12.87
C ARG D 107 1.21 1.56 13.80
N PHE D 108 2.31 0.92 13.44
CA PHE D 108 3.52 0.98 14.25
C PHE D 108 4.04 2.41 14.16
N ALA D 109 4.14 2.91 12.93
CA ALA D 109 4.65 4.25 12.67
C ALA D 109 3.75 5.36 13.22
N ASP D 110 2.45 5.17 13.16
CA ASP D 110 1.52 6.17 13.65
C ASP D 110 1.57 6.25 15.17
N TYR D 111 1.93 5.14 15.81
CA TYR D 111 2.00 5.12 17.25
C TYR D 111 3.34 5.56 17.84
N TYR D 112 4.44 5.03 17.31
CA TYR D 112 5.77 5.34 17.84
C TYR D 112 6.51 6.56 17.33
N TYR D 113 6.38 6.87 16.06
CA TYR D 113 7.11 8.00 15.52
C TYR D 113 6.75 9.37 16.12
N PRO D 114 5.46 9.67 16.26
CA PRO D 114 5.09 10.97 16.85
C PRO D 114 5.79 11.17 18.19
N GLN D 115 5.97 10.08 18.92
CA GLN D 115 6.63 10.13 20.22
C GLN D 115 8.15 10.30 20.08
N ILE D 116 8.76 9.42 19.30
CA ILE D 116 10.20 9.44 19.10
C ILE D 116 10.78 10.72 18.51
N PHE D 117 10.21 11.17 17.41
CA PHE D 117 10.71 12.36 16.75
C PHE D 117 9.99 13.65 17.10
N ALA D 118 8.67 13.61 17.15
CA ALA D 118 7.89 14.81 17.47
C ALA D 118 7.71 15.01 18.98
N LYS D 119 8.18 14.04 19.77
CA LYS D 119 8.09 14.10 21.23
C LYS D 119 6.67 14.34 21.74
N GLN D 120 5.69 13.69 21.13
CA GLN D 120 4.31 13.86 21.58
C GLN D 120 3.88 12.71 22.47
N PRO D 121 2.82 12.91 23.26
CA PRO D 121 2.33 11.85 24.15
C PRO D 121 1.80 10.65 23.40
N ALA D 122 1.90 9.46 24.01
CA ALA D 122 1.44 8.23 23.39
C ALA D 122 -0.07 8.26 23.21
N ASN D 123 -0.53 7.81 22.04
CA ASN D 123 -1.96 7.79 21.75
C ASN D 123 -2.54 6.42 22.05
N ALA D 124 -3.39 6.37 23.07
CA ALA D 124 -4.03 5.13 23.53
C ALA D 124 -4.76 4.32 22.46
N GLU D 125 -5.60 4.98 21.66
CA GLU D 125 -6.35 4.28 20.61
C GLU D 125 -5.39 3.72 19.57
N ASN D 126 -4.36 4.49 19.21
CA ASN D 126 -3.42 4.02 18.22
C ASN D 126 -2.65 2.81 18.75
N GLU D 127 -2.42 2.77 20.06
CA GLU D 127 -1.72 1.62 20.63
C GLU D 127 -2.61 0.40 20.41
N LYS D 128 -3.90 0.57 20.71
CA LYS D 128 -4.88 -0.49 20.55
C LYS D 128 -4.89 -1.03 19.13
N LYS D 129 -4.93 -0.13 18.15
CA LYS D 129 -4.96 -0.54 16.75
C LYS D 129 -3.68 -1.31 16.41
N MET D 130 -2.57 -0.88 16.95
CA MET D 130 -1.29 -1.55 16.71
C MET D 130 -1.36 -2.99 17.24
N LYS D 131 -1.95 -3.16 18.43
CA LYS D 131 -2.09 -4.49 19.00
C LYS D 131 -2.96 -5.34 18.07
N ASP D 132 -4.03 -4.75 17.54
CA ASP D 132 -4.90 -5.47 16.63
C ASP D 132 -4.16 -5.98 15.39
N ALA D 133 -3.20 -5.19 14.90
CA ALA D 133 -2.45 -5.57 13.71
C ALA D 133 -1.58 -6.79 13.97
N VAL D 134 -0.92 -6.81 15.12
CA VAL D 134 -0.07 -7.95 15.44
C VAL D 134 -0.96 -9.18 15.67
N ASP D 135 -2.15 -8.97 16.22
CA ASP D 135 -3.07 -10.07 16.45
C ASP D 135 -3.47 -10.71 15.13
N PHE D 136 -3.73 -9.88 14.13
CA PHE D 136 -4.09 -10.40 12.81
C PHE D 136 -2.94 -11.23 12.25
N LEU D 137 -1.73 -10.72 12.36
CA LEU D 137 -0.55 -11.42 11.88
C LEU D 137 -0.41 -12.74 12.64
N ASN D 138 -0.69 -12.69 13.93
CA ASN D 138 -0.62 -13.87 14.78
C ASN D 138 -1.56 -14.95 14.22
N THR D 139 -2.77 -14.53 13.85
CA THR D 139 -3.74 -15.43 13.28
C THR D 139 -3.28 -15.95 11.92
N PHE D 140 -2.70 -15.09 11.10
CA PHE D 140 -2.22 -15.52 9.78
C PHE D 140 -1.20 -16.63 9.95
N LEU D 141 -0.35 -16.48 10.96
CA LEU D 141 0.71 -17.45 11.22
C LEU D 141 0.27 -18.70 12.00
N ASP D 142 -1.01 -18.79 12.34
CA ASP D 142 -1.51 -19.97 13.04
C ASP D 142 -1.69 -21.02 11.95
N GLY D 143 -0.86 -22.05 11.98
CA GLY D 143 -0.92 -23.07 10.94
C GLY D 143 0.19 -22.78 9.95
N HIS D 144 -0.02 -21.82 9.06
CA HIS D 144 0.98 -21.43 8.07
C HIS D 144 2.30 -21.13 8.76
N LYS D 145 3.40 -21.67 8.22
CA LYS D 145 4.72 -21.46 8.77
C LYS D 145 5.32 -20.14 8.32
N TYR D 146 4.89 -19.66 7.15
CA TYR D 146 5.39 -18.40 6.61
C TYR D 146 4.23 -17.41 6.47
N VAL D 147 4.57 -16.13 6.31
CA VAL D 147 3.57 -15.08 6.18
C VAL D 147 2.56 -15.34 5.06
N ALA D 148 3.04 -15.86 3.94
CA ALA D 148 2.16 -16.14 2.81
C ALA D 148 2.45 -17.51 2.20
N GLY D 149 1.88 -18.56 2.78
CA GLY D 149 2.11 -19.89 2.25
C GLY D 149 3.07 -20.73 3.08
N ASP D 150 3.60 -21.78 2.47
CA ASP D 150 4.52 -22.69 3.16
C ASP D 150 5.96 -22.51 2.73
N SER D 151 6.29 -21.34 2.19
CA SER D 151 7.66 -21.07 1.75
C SER D 151 8.00 -19.61 1.96
N LEU D 152 9.28 -19.32 2.15
CA LEU D 152 9.74 -17.94 2.37
C LEU D 152 9.51 -17.11 1.10
N THR D 153 8.90 -15.94 1.26
CA THR D 153 8.62 -15.07 0.12
C THR D 153 9.02 -13.65 0.51
N ILE D 154 8.89 -12.70 -0.41
CA ILE D 154 9.23 -11.33 -0.07
C ILE D 154 8.31 -10.82 1.05
N ALA D 155 7.17 -11.47 1.23
CA ALA D 155 6.25 -11.06 2.30
C ALA D 155 6.91 -11.30 3.65
N ASP D 156 7.67 -12.38 3.77
CA ASP D 156 8.35 -12.67 5.03
C ASP D 156 9.44 -11.64 5.26
N LEU D 157 10.09 -11.23 4.18
CA LEU D 157 11.16 -10.27 4.28
C LEU D 157 10.69 -8.89 4.72
N THR D 158 9.61 -8.39 4.14
CA THR D 158 9.14 -7.07 4.54
C THR D 158 8.52 -7.13 5.94
N VAL D 159 7.82 -8.24 6.25
CA VAL D 159 7.23 -8.38 7.58
C VAL D 159 8.35 -8.50 8.62
N LEU D 160 9.48 -9.08 8.23
CA LEU D 160 10.60 -9.17 9.17
C LEU D 160 11.14 -7.77 9.42
N ALA D 161 11.28 -6.98 8.35
CA ALA D 161 11.78 -5.61 8.51
C ALA D 161 10.87 -4.86 9.47
N THR D 162 9.57 -5.12 9.39
CA THR D 162 8.62 -4.45 10.26
C THR D 162 8.62 -4.98 11.68
N VAL D 163 8.47 -6.29 11.85
CA VAL D 163 8.43 -6.87 13.18
C VAL D 163 9.70 -6.64 13.99
N SER D 164 10.86 -6.68 13.32
CA SER D 164 12.10 -6.45 14.04
C SER D 164 12.11 -5.03 14.60
N THR D 165 11.38 -4.13 13.96
CA THR D 165 11.31 -2.76 14.44
C THR D 165 10.38 -2.70 15.65
N TYR D 166 9.35 -3.55 15.66
CA TYR D 166 8.43 -3.62 16.79
C TYR D 166 9.26 -4.10 17.97
N ASP D 167 10.16 -5.03 17.70
CA ASP D 167 11.02 -5.61 18.72
C ASP D 167 11.88 -4.55 19.40
N VAL D 168 12.72 -3.85 18.64
CA VAL D 168 13.59 -2.83 19.22
C VAL D 168 12.82 -1.71 19.91
N ALA D 169 11.61 -1.43 19.43
CA ALA D 169 10.77 -0.39 20.02
C ALA D 169 10.26 -0.82 21.39
N GLY D 170 10.36 -2.11 21.69
CA GLY D 170 9.90 -2.60 22.97
C GLY D 170 8.48 -3.14 23.00
N PHE D 171 7.89 -3.36 21.82
CA PHE D 171 6.54 -3.89 21.77
C PHE D 171 6.59 -5.32 22.27
N GLU D 172 5.61 -5.72 23.05
CA GLU D 172 5.57 -7.07 23.60
C GLU D 172 5.14 -8.13 22.58
N LEU D 173 6.06 -8.52 21.71
CA LEU D 173 5.79 -9.52 20.70
C LEU D 173 5.63 -10.91 21.29
N ALA D 174 6.27 -11.15 22.42
CA ALA D 174 6.21 -12.44 23.10
C ALA D 174 4.79 -12.91 23.40
N LYS D 175 3.87 -11.97 23.58
CA LYS D 175 2.48 -12.33 23.88
C LYS D 175 1.72 -12.87 22.67
N TYR D 176 2.35 -12.80 21.49
CA TYR D 176 1.74 -13.32 20.27
C TYR D 176 2.58 -14.50 19.82
N PRO D 177 2.35 -15.68 20.43
CA PRO D 177 3.07 -16.93 20.15
C PRO D 177 3.45 -17.27 18.71
N HIS D 178 2.50 -17.15 17.80
CA HIS D 178 2.78 -17.46 16.40
C HIS D 178 3.69 -16.42 15.77
N VAL D 179 3.51 -15.16 16.13
CA VAL D 179 4.37 -14.10 15.60
C VAL D 179 5.77 -14.30 16.18
N ALA D 180 5.85 -14.55 17.48
CA ALA D 180 7.13 -14.75 18.13
C ALA D 180 7.89 -15.95 17.58
N ALA D 181 7.19 -17.05 17.30
CA ALA D 181 7.84 -18.24 16.76
C ALA D 181 8.37 -18.00 15.35
N TRP D 182 7.54 -17.36 14.52
CA TRP D 182 7.92 -17.05 13.15
C TRP D 182 9.13 -16.12 13.13
N TYR D 183 9.16 -15.19 14.09
CA TYR D 183 10.25 -14.23 14.19
C TYR D 183 11.54 -14.91 14.63
N GLU D 184 11.40 -15.79 15.62
CA GLU D 184 12.55 -16.53 16.12
C GLU D 184 13.20 -17.29 14.98
N ARG D 185 12.35 -17.89 14.14
CA ARG D 185 12.82 -18.68 12.99
C ARG D 185 13.37 -17.82 11.85
N THR D 186 12.56 -16.86 11.41
CA THR D 186 12.91 -15.99 10.28
C THR D 186 14.05 -15.02 10.50
N ARG D 187 14.21 -14.54 11.72
CA ARG D 187 15.28 -13.59 12.02
C ARG D 187 16.64 -14.23 11.78
N LYS D 188 16.65 -15.56 11.68
CA LYS D 188 17.89 -16.29 11.45
C LYS D 188 18.03 -16.76 10.01
N GLU D 189 16.95 -17.32 9.48
CA GLU D 189 16.94 -17.87 8.13
C GLU D 189 16.92 -16.86 6.98
N ALA D 190 16.31 -15.71 7.19
CA ALA D 190 16.19 -14.69 6.14
C ALA D 190 17.47 -14.22 5.46
N PRO D 191 17.44 -14.10 4.12
CA PRO D 191 18.63 -13.63 3.41
C PRO D 191 18.84 -12.19 3.89
N GLY D 192 20.09 -11.83 4.18
CA GLY D 192 20.36 -10.48 4.64
C GLY D 192 19.98 -10.30 6.10
N ALA D 193 19.77 -11.41 6.80
CA ALA D 193 19.39 -11.38 8.20
C ALA D 193 20.35 -10.52 9.03
N ALA D 194 21.64 -10.61 8.73
CA ALA D 194 22.64 -9.84 9.47
C ALA D 194 22.53 -8.35 9.17
N ILE D 195 22.13 -8.00 7.95
CA ILE D 195 21.97 -6.59 7.58
C ILE D 195 20.85 -6.00 8.43
N ASN D 196 19.73 -6.72 8.52
CA ASN D 196 18.58 -6.28 9.29
C ASN D 196 18.91 -6.12 10.77
N GLU D 197 19.63 -7.07 11.33
CA GLU D 197 20.02 -6.99 12.74
C GLU D 197 20.88 -5.78 13.02
N ALA D 198 21.81 -5.49 12.11
CA ALA D 198 22.69 -4.33 12.30
C ALA D 198 21.88 -3.05 12.11
N GLY D 199 20.92 -3.10 11.19
CA GLY D 199 20.09 -1.93 10.92
C GLY D 199 19.24 -1.54 12.11
N ILE D 200 18.61 -2.51 12.77
CA ILE D 200 17.76 -2.19 13.92
C ILE D 200 18.58 -1.59 15.05
N GLU D 201 19.86 -1.95 15.13
CA GLU D 201 20.72 -1.39 16.17
C GLU D 201 20.91 0.09 15.94
N GLU D 202 20.88 0.48 14.66
CA GLU D 202 21.02 1.88 14.28
C GLU D 202 19.72 2.62 14.61
N PHE D 203 18.60 1.90 14.53
CA PHE D 203 17.30 2.47 14.83
C PHE D 203 17.19 2.65 16.34
N ARG D 204 17.77 1.70 17.07
CA ARG D 204 17.75 1.75 18.53
C ARG D 204 18.29 3.09 19.00
N LYS D 205 19.17 3.68 18.21
CA LYS D 205 19.78 4.96 18.54
C LYS D 205 18.75 6.07 18.68
N TYR D 206 17.47 5.71 18.64
CA TYR D 206 16.39 6.68 18.79
C TYR D 206 15.61 6.30 20.06
N PHE D 207 16.23 5.43 20.86
CA PHE D 207 15.64 4.98 22.11
C PHE D 207 16.69 5.05 23.21
N MET E 1 -2.90 -54.15 25.15
CA MET E 1 -1.97 -53.30 25.93
C MET E 1 -2.71 -52.35 26.86
N ASP E 2 -2.66 -52.62 28.15
CA ASP E 2 -3.33 -51.77 29.14
C ASP E 2 -2.46 -50.58 29.50
N PHE E 3 -3.11 -49.44 29.69
CA PHE E 3 -2.40 -48.21 30.02
C PHE E 3 -3.10 -47.52 31.19
N TYR E 4 -2.53 -47.70 32.38
CA TYR E 4 -3.08 -47.09 33.60
C TYR E 4 -2.62 -45.65 33.60
N TYR E 5 -3.56 -44.71 33.57
CA TYR E 5 -3.19 -43.31 33.45
C TYR E 5 -4.20 -42.33 34.02
N LEU E 6 -3.87 -41.06 33.82
CA LEU E 6 -4.68 -39.91 34.19
C LEU E 6 -4.34 -38.95 33.03
N PRO E 7 -5.35 -38.40 32.36
CA PRO E 7 -5.09 -37.50 31.23
C PRO E 7 -4.32 -36.21 31.54
N GLY E 8 -4.44 -35.70 32.75
CA GLY E 8 -3.74 -34.48 33.11
C GLY E 8 -2.27 -34.68 33.43
N SER E 9 -1.90 -35.93 33.69
CA SER E 9 -0.53 -36.29 34.03
C SER E 9 0.44 -36.18 32.86
N ALA E 10 1.48 -35.35 33.03
CA ALA E 10 2.49 -35.16 31.99
C ALA E 10 3.16 -36.47 31.56
N PRO E 11 3.65 -37.27 32.53
CA PRO E 11 4.29 -38.53 32.11
C PRO E 11 3.32 -39.43 31.34
N CYS E 12 2.03 -39.37 31.67
CA CYS E 12 1.06 -40.18 30.95
C CYS E 12 0.89 -39.63 29.53
N ARG E 13 0.81 -38.31 29.40
CA ARG E 13 0.66 -37.72 28.08
C ARG E 13 1.85 -38.01 27.18
N ALA E 14 3.05 -38.08 27.77
CA ALA E 14 4.25 -38.37 26.99
C ALA E 14 4.07 -39.75 26.32
N VAL E 15 3.61 -40.72 27.09
CA VAL E 15 3.38 -42.06 26.55
C VAL E 15 2.27 -42.04 25.50
N GLN E 16 1.22 -41.26 25.72
CA GLN E 16 0.14 -41.20 24.75
C GLN E 16 0.63 -40.66 23.42
N MET E 17 1.51 -39.66 23.45
CA MET E 17 2.03 -39.10 22.22
C MET E 17 2.98 -40.08 21.55
N THR E 18 3.79 -40.76 22.36
CA THR E 18 4.73 -41.74 21.81
C THR E 18 3.95 -42.88 21.13
N ALA E 19 2.93 -43.42 21.80
CA ALA E 19 2.16 -44.49 21.20
C ALA E 19 1.48 -44.03 19.91
N ALA E 20 1.02 -42.79 19.89
CA ALA E 20 0.37 -42.27 18.68
C ALA E 20 1.40 -42.21 17.56
N ALA E 21 2.59 -41.69 17.88
CA ALA E 21 3.66 -41.56 16.89
C ALA E 21 4.13 -42.90 16.31
N VAL E 22 4.18 -43.93 17.15
CA VAL E 22 4.62 -45.25 16.69
C VAL E 22 3.46 -46.09 16.16
N GLY E 23 2.23 -45.62 16.34
CA GLY E 23 1.08 -46.35 15.84
C GLY E 23 0.62 -47.54 16.67
N VAL E 24 0.79 -47.44 17.99
CA VAL E 24 0.40 -48.50 18.89
C VAL E 24 -0.88 -48.11 19.64
N GLU E 25 -1.91 -48.94 19.52
CA GLU E 25 -3.18 -48.68 20.18
C GLU E 25 -3.09 -49.05 21.66
N LEU E 26 -3.68 -48.21 22.50
CA LEU E 26 -3.70 -48.43 23.94
C LEU E 26 -5.11 -48.57 24.49
N ASN E 27 -5.24 -49.34 25.57
CA ASN E 27 -6.52 -49.52 26.25
C ASN E 27 -6.40 -48.62 27.47
N LEU E 28 -7.03 -47.45 27.41
CA LEU E 28 -6.97 -46.48 28.50
C LEU E 28 -7.73 -46.90 29.74
N LYS E 29 -6.99 -47.14 30.82
CA LYS E 29 -7.59 -47.51 32.09
C LYS E 29 -7.38 -46.35 33.05
N LEU E 30 -8.41 -45.51 33.16
CA LEU E 30 -8.38 -44.33 34.02
C LEU E 30 -8.12 -44.78 35.46
N THR E 31 -7.01 -44.33 36.04
CA THR E 31 -6.66 -44.71 37.40
C THR E 31 -6.71 -43.53 38.37
N ASN E 32 -7.72 -43.56 39.24
CA ASN E 32 -7.98 -42.52 40.23
C ASN E 32 -7.02 -42.63 41.42
N LEU E 33 -6.04 -41.73 41.46
CA LEU E 33 -5.03 -41.71 42.51
C LEU E 33 -5.59 -41.29 43.86
N MET E 34 -6.43 -40.27 43.86
CA MET E 34 -7.04 -39.77 45.08
C MET E 34 -7.79 -40.89 45.78
N ALA E 35 -8.39 -41.78 44.98
CA ALA E 35 -9.15 -42.90 45.51
C ALA E 35 -8.27 -44.13 45.74
N GLY E 36 -6.96 -43.95 45.61
CA GLY E 36 -6.03 -45.03 45.83
C GLY E 36 -6.17 -46.27 44.96
N GLU E 37 -6.64 -46.11 43.72
CA GLU E 37 -6.80 -47.27 42.85
C GLU E 37 -5.42 -47.83 42.47
N HIS E 38 -4.39 -46.99 42.57
CA HIS E 38 -3.02 -47.39 42.25
C HIS E 38 -2.37 -48.07 43.45
N MET E 39 -3.07 -48.06 44.57
CA MET E 39 -2.53 -48.65 45.80
C MET E 39 -3.26 -49.91 46.24
N LYS E 40 -4.13 -50.41 45.39
CA LYS E 40 -4.87 -51.64 45.70
C LYS E 40 -3.95 -52.84 45.46
N PRO E 41 -4.23 -53.97 46.13
CA PRO E 41 -3.42 -55.17 45.99
C PRO E 41 -3.17 -55.55 44.53
N GLU E 42 -4.24 -55.57 43.74
CA GLU E 42 -4.15 -55.90 42.33
C GLU E 42 -3.11 -55.03 41.61
N PHE E 43 -3.20 -53.72 41.80
CA PHE E 43 -2.26 -52.81 41.14
C PHE E 43 -0.85 -52.97 41.66
N LEU E 44 -0.70 -53.12 42.98
CA LEU E 44 0.62 -53.25 43.57
C LEU E 44 1.35 -54.49 43.05
N LYS E 45 0.59 -55.49 42.61
CA LYS E 45 1.18 -56.73 42.10
C LYS E 45 1.83 -56.49 40.74
N ILE E 46 1.28 -55.54 39.98
CA ILE E 46 1.80 -55.20 38.66
C ILE E 46 2.89 -54.14 38.78
N ASN E 47 2.70 -53.23 39.72
CA ASN E 47 3.65 -52.15 39.94
C ASN E 47 3.75 -51.80 41.43
N PRO E 48 4.71 -52.40 42.15
CA PRO E 48 4.88 -52.14 43.58
C PRO E 48 5.24 -50.71 43.94
N GLN E 49 5.63 -49.91 42.95
CA GLN E 49 5.97 -48.51 43.23
C GLN E 49 4.70 -47.67 43.11
N HIS E 50 3.59 -48.33 42.82
CA HIS E 50 2.28 -47.69 42.70
C HIS E 50 2.28 -46.30 42.06
N CYS E 51 2.67 -46.22 40.81
CA CYS E 51 2.69 -44.95 40.10
C CYS E 51 2.25 -45.13 38.66
N ILE E 52 1.70 -44.05 38.10
CA ILE E 52 1.25 -44.06 36.72
C ILE E 52 2.14 -43.06 35.99
N PRO E 53 2.36 -43.26 34.68
CA PRO E 53 1.82 -44.37 33.89
C PRO E 53 2.42 -45.75 34.15
N THR E 54 1.59 -46.76 33.95
CA THR E 54 2.01 -48.16 34.06
C THR E 54 1.42 -48.82 32.84
N LEU E 55 2.26 -49.58 32.14
CA LEU E 55 1.84 -50.27 30.93
C LEU E 55 1.90 -51.77 31.16
N VAL E 56 0.98 -52.49 30.55
CA VAL E 56 0.97 -53.95 30.63
C VAL E 56 0.77 -54.44 29.20
N ASP E 57 1.81 -55.05 28.67
CA ASP E 57 1.82 -55.57 27.31
C ASP E 57 1.89 -57.09 27.32
N ASN E 58 0.74 -57.73 27.19
CA ASN E 58 0.67 -59.18 27.18
C ASN E 58 1.43 -59.83 28.33
N GLY E 59 1.10 -59.42 29.56
CA GLY E 59 1.75 -59.99 30.73
C GLY E 59 2.96 -59.24 31.25
N PHE E 60 3.57 -58.44 30.39
CA PHE E 60 4.76 -57.66 30.76
C PHE E 60 4.34 -56.30 31.33
N ALA E 61 4.69 -56.06 32.59
CA ALA E 61 4.36 -54.80 33.25
C ALA E 61 5.58 -53.89 33.28
N LEU E 62 5.36 -52.61 32.98
CA LEU E 62 6.46 -51.66 32.93
C LEU E 62 6.01 -50.28 33.39
N TRP E 63 6.85 -49.58 34.15
CA TRP E 63 6.51 -48.23 34.54
C TRP E 63 7.70 -47.30 34.26
N GLU E 64 7.56 -46.03 34.60
CA GLU E 64 8.53 -44.98 34.30
C GLU E 64 8.22 -44.60 32.86
N SER E 65 7.55 -43.47 32.69
CA SER E 65 7.11 -42.99 31.38
C SER E 65 8.13 -43.03 30.25
N ARG E 66 9.36 -42.63 30.53
CA ARG E 66 10.36 -42.59 29.50
C ARG E 66 10.87 -43.97 29.12
N ALA E 67 10.79 -44.92 30.06
CA ALA E 67 11.17 -46.29 29.78
C ALA E 67 10.09 -46.87 28.88
N ILE E 68 8.84 -46.51 29.17
CA ILE E 68 7.72 -46.98 28.36
C ILE E 68 7.84 -46.41 26.95
N CYS E 69 8.17 -45.13 26.86
CA CYS E 69 8.31 -44.50 25.55
C CYS E 69 9.37 -45.18 24.68
N THR E 70 10.53 -45.46 25.26
CA THR E 70 11.59 -46.11 24.48
C THR E 70 11.26 -47.57 24.17
N TYR E 71 10.49 -48.21 25.04
CA TYR E 71 10.10 -49.61 24.81
C TYR E 71 9.17 -49.66 23.60
N LEU E 72 8.20 -48.74 23.55
CA LEU E 72 7.27 -48.68 22.44
C LEU E 72 8.04 -48.38 21.15
N ALA E 73 9.04 -47.51 21.25
CA ALA E 73 9.83 -47.18 20.08
C ALA E 73 10.67 -48.36 19.60
N GLU E 74 11.37 -49.03 20.52
CA GLU E 74 12.21 -50.15 20.13
C GLU E 74 11.46 -51.38 19.64
N LYS E 75 10.37 -51.74 20.30
CA LYS E 75 9.63 -52.92 19.90
C LYS E 75 8.61 -52.75 18.77
N TYR E 76 7.92 -51.61 18.74
CA TYR E 76 6.90 -51.37 17.73
C TYR E 76 7.20 -50.29 16.71
N GLY E 77 8.24 -49.51 16.93
CA GLY E 77 8.57 -48.45 16.00
C GLY E 77 9.14 -48.96 14.68
N LYS E 78 8.79 -48.27 13.60
CA LYS E 78 9.29 -48.63 12.28
C LYS E 78 10.14 -47.50 11.71
N ASP E 79 10.11 -46.35 12.38
CA ASP E 79 10.87 -45.18 11.95
C ASP E 79 12.06 -44.93 12.87
N ASP E 80 13.24 -45.34 12.42
CA ASP E 80 14.45 -45.15 13.19
C ASP E 80 14.62 -43.72 13.67
N LYS E 81 14.08 -42.77 12.92
CA LYS E 81 14.19 -41.36 13.27
C LYS E 81 13.70 -41.03 14.67
N LEU E 82 12.61 -41.66 15.08
CA LEU E 82 12.01 -41.41 16.39
C LEU E 82 12.88 -41.79 17.60
N TYR E 83 13.72 -42.80 17.42
CA TYR E 83 14.61 -43.25 18.48
C TYR E 83 15.76 -44.00 17.82
N PRO E 84 16.71 -43.25 17.23
CA PRO E 84 17.91 -43.72 16.51
C PRO E 84 18.64 -44.87 17.17
N LYS E 85 19.01 -45.86 16.36
CA LYS E 85 19.74 -47.04 16.84
C LYS E 85 21.22 -46.72 17.00
N ASP E 86 21.69 -45.75 16.20
CA ASP E 86 23.09 -45.33 16.28
C ASP E 86 23.43 -44.93 17.72
N PRO E 87 24.46 -45.57 18.30
CA PRO E 87 24.86 -45.26 19.68
C PRO E 87 25.02 -43.77 20.01
N GLN E 88 25.67 -43.02 19.12
CA GLN E 88 25.86 -41.59 19.41
C GLN E 88 24.55 -40.83 19.32
N LYS E 89 23.78 -41.05 18.26
CA LYS E 89 22.49 -40.36 18.11
C LYS E 89 21.55 -40.72 19.25
N ARG E 90 21.52 -42.00 19.61
CA ARG E 90 20.66 -42.46 20.69
C ARG E 90 21.09 -41.86 22.02
N ALA E 91 22.40 -41.67 22.18
CA ALA E 91 22.94 -41.10 23.41
C ALA E 91 22.40 -39.70 23.68
N VAL E 92 22.34 -38.89 22.64
CA VAL E 92 21.84 -37.53 22.79
C VAL E 92 20.38 -37.58 23.21
N VAL E 93 19.60 -38.45 22.56
CA VAL E 93 18.18 -38.57 22.91
C VAL E 93 18.08 -39.00 24.36
N ASN E 94 18.84 -40.01 24.76
CA ASN E 94 18.80 -40.49 26.13
C ASN E 94 19.20 -39.42 27.13
N GLN E 95 20.19 -38.60 26.79
CA GLN E 95 20.58 -37.54 27.69
C GLN E 95 19.41 -36.58 27.86
N ARG E 96 18.75 -36.23 26.76
CA ARG E 96 17.59 -35.32 26.82
C ARG E 96 16.45 -35.93 27.63
N LEU E 97 16.34 -37.26 27.59
CA LEU E 97 15.30 -37.94 28.37
C LEU E 97 15.60 -37.78 29.86
N TYR E 98 16.85 -37.99 30.24
CA TYR E 98 17.23 -37.84 31.64
C TYR E 98 17.09 -36.36 32.02
N PHE E 99 17.41 -35.47 31.09
CA PHE E 99 17.26 -34.03 31.33
C PHE E 99 15.80 -33.73 31.66
N ASP E 100 14.90 -34.22 30.81
CA ASP E 100 13.48 -33.99 31.02
C ASP E 100 13.01 -34.47 32.39
N MET E 101 13.44 -35.67 32.79
CA MET E 101 13.02 -36.18 34.08
C MET E 101 13.66 -35.49 35.28
N GLY E 102 14.98 -35.51 35.32
CA GLY E 102 15.72 -34.96 36.45
C GLY E 102 15.95 -33.47 36.55
N THR E 103 15.78 -32.74 35.46
CA THR E 103 15.99 -31.30 35.51
C THR E 103 14.71 -30.54 35.21
N LEU E 104 14.23 -30.61 33.97
CA LEU E 104 13.01 -29.89 33.56
C LEU E 104 11.73 -30.24 34.32
N TYR E 105 11.34 -31.52 34.34
CA TYR E 105 10.12 -31.87 35.05
C TYR E 105 10.31 -31.90 36.56
N GLN E 106 11.45 -32.42 37.01
CA GLN E 106 11.74 -32.49 38.44
C GLN E 106 11.56 -31.12 39.12
N ARG E 107 12.16 -30.09 38.53
CA ARG E 107 12.08 -28.76 39.11
C ARG E 107 10.70 -28.15 39.01
N PHE E 108 9.94 -28.54 37.98
CA PHE E 108 8.59 -28.04 37.79
C PHE E 108 7.73 -28.62 38.92
N ALA E 109 7.89 -29.93 39.15
CA ALA E 109 7.15 -30.60 40.20
C ALA E 109 7.53 -30.08 41.59
N ASP E 110 8.82 -29.94 41.86
CA ASP E 110 9.29 -29.44 43.16
C ASP E 110 8.73 -28.05 43.48
N TYR E 111 8.51 -27.24 42.44
CA TYR E 111 8.01 -25.89 42.64
C TYR E 111 6.48 -25.75 42.73
N TYR E 112 5.76 -26.27 41.74
CA TYR E 112 4.30 -26.13 41.74
C TYR E 112 3.50 -27.09 42.60
N TYR E 113 3.92 -28.34 42.70
CA TYR E 113 3.16 -29.30 43.47
C TYR E 113 2.92 -28.95 44.94
N PRO E 114 3.95 -28.47 45.65
CA PRO E 114 3.75 -28.11 47.06
C PRO E 114 2.73 -26.99 47.22
N GLN E 115 2.50 -26.25 46.14
CA GLN E 115 1.55 -25.15 46.15
C GLN E 115 0.13 -25.62 45.86
N ILE E 116 0.00 -26.48 44.86
CA ILE E 116 -1.30 -27.01 44.47
C ILE E 116 -1.84 -28.05 45.44
N PHE E 117 -0.97 -28.96 45.88
CA PHE E 117 -1.38 -30.04 46.76
C PHE E 117 -1.23 -29.77 48.27
N ALA E 118 -0.16 -29.10 48.66
CA ALA E 118 0.06 -28.80 50.06
C ALA E 118 -0.43 -27.40 50.43
N LYS E 119 -0.75 -26.61 49.43
CA LYS E 119 -1.21 -25.24 49.62
C LYS E 119 -0.19 -24.41 50.38
N GLN E 120 1.07 -24.63 50.08
CA GLN E 120 2.14 -23.88 50.74
C GLN E 120 2.58 -22.72 49.87
N PRO E 121 3.17 -21.68 50.47
CA PRO E 121 3.62 -20.50 49.72
C PRO E 121 4.68 -20.92 48.69
N ALA E 122 4.74 -20.20 47.58
CA ALA E 122 5.73 -20.48 46.53
C ALA E 122 7.14 -20.40 47.11
N ASN E 123 8.00 -21.32 46.69
CA ASN E 123 9.38 -21.36 47.16
C ASN E 123 10.31 -20.65 46.17
N ALA E 124 10.80 -19.47 46.56
CA ALA E 124 11.66 -18.65 45.72
C ALA E 124 12.90 -19.37 45.17
N GLU E 125 13.55 -20.18 46.00
CA GLU E 125 14.73 -20.87 45.55
C GLU E 125 14.42 -21.93 44.50
N ASN E 126 13.30 -22.60 44.64
CA ASN E 126 12.94 -23.62 43.67
C ASN E 126 12.43 -22.96 42.40
N GLU E 127 11.94 -21.73 42.51
CA GLU E 127 11.47 -21.04 41.33
C GLU E 127 12.68 -20.79 40.44
N LYS E 128 13.79 -20.38 41.07
CA LYS E 128 15.03 -20.10 40.35
C LYS E 128 15.58 -21.34 39.66
N LYS E 129 15.60 -22.46 40.38
CA LYS E 129 16.10 -23.69 39.80
C LYS E 129 15.25 -24.04 38.58
N MET E 130 13.95 -23.78 38.67
CA MET E 130 13.04 -24.07 37.56
C MET E 130 13.33 -23.18 36.34
N LYS E 131 13.61 -21.91 36.58
CA LYS E 131 13.93 -21.02 35.47
C LYS E 131 15.26 -21.47 34.87
N ASP E 132 16.20 -21.91 35.71
CA ASP E 132 17.47 -22.38 35.19
C ASP E 132 17.26 -23.59 34.29
N ALA E 133 16.31 -24.44 34.66
CA ALA E 133 16.01 -25.62 33.85
C ALA E 133 15.53 -25.23 32.47
N VAL E 134 14.65 -24.24 32.40
CA VAL E 134 14.14 -23.80 31.11
C VAL E 134 15.23 -23.10 30.31
N ASP E 135 16.12 -22.39 31.01
CA ASP E 135 17.20 -21.70 30.31
C ASP E 135 18.09 -22.74 29.62
N PHE E 136 18.30 -23.87 30.27
CA PHE E 136 19.09 -24.95 29.69
C PHE E 136 18.43 -25.42 28.40
N LEU E 137 17.13 -25.64 28.45
CA LEU E 137 16.41 -26.08 27.27
C LEU E 137 16.49 -25.03 26.17
N ASN E 138 16.42 -23.76 26.58
CA ASN E 138 16.48 -22.66 25.64
C ASN E 138 17.81 -22.68 24.91
N THR E 139 18.87 -23.02 25.63
CA THR E 139 20.20 -23.10 25.03
C THR E 139 20.24 -24.28 24.07
N PHE E 140 19.73 -25.42 24.51
CA PHE E 140 19.69 -26.62 23.67
C PHE E 140 18.98 -26.34 22.35
N LEU E 141 17.95 -25.52 22.39
CA LEU E 141 17.16 -25.21 21.21
C LEU E 141 17.61 -24.03 20.34
N ASP E 142 18.72 -23.40 20.71
CA ASP E 142 19.23 -22.28 19.92
C ASP E 142 19.93 -22.89 18.71
N GLY E 143 19.40 -22.61 17.52
CA GLY E 143 20.00 -23.17 16.31
C GLY E 143 19.32 -24.47 15.94
N HIS E 144 19.43 -25.47 16.81
CA HIS E 144 18.82 -26.77 16.58
C HIS E 144 17.30 -26.61 16.65
N LYS E 145 16.58 -27.25 15.74
CA LYS E 145 15.13 -27.13 15.73
C LYS E 145 14.41 -28.16 16.62
N TYR E 146 15.09 -29.24 16.97
CA TYR E 146 14.49 -30.26 17.82
C TYR E 146 15.28 -30.45 19.10
N VAL E 147 14.64 -31.02 20.12
CA VAL E 147 15.28 -31.23 21.40
C VAL E 147 16.58 -32.01 21.28
N ALA E 148 16.54 -33.10 20.51
CA ALA E 148 17.71 -33.94 20.30
C ALA E 148 17.90 -34.22 18.82
N GLY E 149 18.80 -33.48 18.18
CA GLY E 149 19.05 -33.69 16.77
C GLY E 149 18.24 -32.78 15.86
N ASP E 150 18.17 -33.15 14.59
CA ASP E 150 17.45 -32.35 13.61
C ASP E 150 16.13 -32.97 13.17
N SER E 151 15.62 -33.91 13.96
CA SER E 151 14.36 -34.56 13.63
C SER E 151 13.57 -34.85 14.90
N LEU E 152 12.25 -34.97 14.76
CA LEU E 152 11.38 -35.26 15.90
C LEU E 152 11.71 -36.63 16.48
N THR E 153 11.93 -36.68 17.79
CA THR E 153 12.23 -37.93 18.46
C THR E 153 11.40 -38.03 19.71
N ILE E 154 11.53 -39.14 20.42
CA ILE E 154 10.81 -39.35 21.67
C ILE E 154 11.14 -38.23 22.66
N ALA E 155 12.33 -37.64 22.52
CA ALA E 155 12.74 -36.56 23.41
C ALA E 155 11.81 -35.36 23.26
N ASP E 156 11.43 -35.03 22.03
CA ASP E 156 10.53 -33.92 21.78
C ASP E 156 9.17 -34.19 22.44
N LEU E 157 8.69 -35.41 22.28
CA LEU E 157 7.40 -35.80 22.82
C LEU E 157 7.31 -35.72 24.34
N THR E 158 8.33 -36.19 25.06
CA THR E 158 8.27 -36.10 26.52
C THR E 158 8.48 -34.67 27.00
N VAL E 159 9.40 -33.94 26.35
CA VAL E 159 9.63 -32.54 26.72
C VAL E 159 8.36 -31.73 26.44
N LEU E 160 7.64 -32.07 25.37
CA LEU E 160 6.40 -31.36 25.07
C LEU E 160 5.39 -31.64 26.18
N ALA E 161 5.28 -32.89 26.58
CA ALA E 161 4.35 -33.23 27.67
C ALA E 161 4.65 -32.34 28.88
N THR E 162 5.93 -32.18 29.19
CA THR E 162 6.39 -31.37 30.31
C THR E 162 6.15 -29.87 30.14
N VAL E 163 6.61 -29.33 29.01
CA VAL E 163 6.45 -27.91 28.73
C VAL E 163 5.00 -27.47 28.66
N SER E 164 4.13 -28.33 28.15
CA SER E 164 2.71 -28.00 28.07
C SER E 164 2.18 -27.79 29.49
N THR E 165 2.77 -28.50 30.45
CA THR E 165 2.34 -28.40 31.84
C THR E 165 2.87 -27.10 32.43
N TYR E 166 4.10 -26.73 32.05
CA TYR E 166 4.67 -25.47 32.53
C TYR E 166 3.70 -24.37 32.07
N ASP E 167 3.25 -24.50 30.82
CA ASP E 167 2.34 -23.52 30.24
C ASP E 167 1.06 -23.33 31.05
N VAL E 168 0.34 -24.42 31.28
CA VAL E 168 -0.91 -24.34 32.02
C VAL E 168 -0.73 -23.82 33.45
N ALA E 169 0.44 -24.07 34.03
CA ALA E 169 0.75 -23.63 35.38
C ALA E 169 0.99 -22.12 35.42
N GLY E 170 1.18 -21.51 34.26
CA GLY E 170 1.39 -20.07 34.24
C GLY E 170 2.84 -19.62 34.15
N PHE E 171 3.75 -20.55 33.88
CA PHE E 171 5.15 -20.18 33.75
C PHE E 171 5.29 -19.32 32.50
N GLU E 172 6.11 -18.29 32.57
CA GLU E 172 6.29 -17.40 31.42
C GLU E 172 7.29 -17.95 30.40
N LEU E 173 6.85 -18.94 29.64
CA LEU E 173 7.68 -19.56 28.61
C LEU E 173 8.10 -18.54 27.56
N ALA E 174 7.34 -17.44 27.46
CA ALA E 174 7.62 -16.38 26.50
C ALA E 174 9.00 -15.75 26.64
N LYS E 175 9.53 -15.72 27.86
CA LYS E 175 10.84 -15.13 28.09
C LYS E 175 12.01 -15.99 27.60
N TYR E 176 11.70 -17.14 27.01
CA TYR E 176 12.72 -18.05 26.47
C TYR E 176 12.33 -18.26 25.00
N PRO E 177 12.76 -17.35 24.12
CA PRO E 177 12.49 -17.38 22.67
C PRO E 177 12.62 -18.71 21.94
N HIS E 178 13.70 -19.43 22.20
CA HIS E 178 13.91 -20.69 21.52
C HIS E 178 12.98 -21.79 22.02
N VAL E 179 12.75 -21.82 23.32
CA VAL E 179 11.83 -22.79 23.88
C VAL E 179 10.45 -22.46 23.35
N ALA E 180 10.10 -21.19 23.40
CA ALA E 180 8.79 -20.75 22.93
C ALA E 180 8.55 -21.12 21.46
N ALA E 181 9.54 -20.87 20.61
CA ALA E 181 9.40 -21.19 19.18
C ALA E 181 9.21 -22.69 18.97
N TRP E 182 10.04 -23.50 19.61
CA TRP E 182 9.96 -24.95 19.49
C TRP E 182 8.60 -25.46 19.97
N TYR E 183 8.12 -24.88 21.06
CA TYR E 183 6.84 -25.26 21.65
C TYR E 183 5.68 -24.92 20.71
N GLU E 184 5.71 -23.72 20.15
CA GLU E 184 4.66 -23.29 19.21
C GLU E 184 4.54 -24.26 18.03
N ARG E 185 5.67 -24.73 17.53
CA ARG E 185 5.71 -25.65 16.39
C ARG E 185 5.32 -27.07 16.81
N THR E 186 6.03 -27.57 17.82
CA THR E 186 5.82 -28.93 18.29
C THR E 186 4.44 -29.26 18.88
N ARG E 187 3.83 -28.34 19.61
CA ARG E 187 2.52 -28.59 20.19
C ARG E 187 1.47 -28.79 19.12
N LYS E 188 1.81 -28.48 17.87
CA LYS E 188 0.87 -28.66 16.76
C LYS E 188 1.23 -29.85 15.89
N GLU E 189 2.53 -30.04 15.66
CA GLU E 189 3.01 -31.11 14.79
C GLU E 189 3.20 -32.48 15.44
N ALA E 190 3.24 -32.52 16.76
CA ALA E 190 3.45 -33.78 17.46
C ALA E 190 2.31 -34.77 17.33
N PRO E 191 2.64 -36.05 17.08
CA PRO E 191 1.58 -37.05 16.97
C PRO E 191 0.86 -37.10 18.32
N GLY E 192 -0.46 -37.08 18.30
CA GLY E 192 -1.22 -37.12 19.54
C GLY E 192 -1.36 -35.74 20.17
N ALA E 193 -1.01 -34.70 19.42
CA ALA E 193 -1.09 -33.34 19.92
C ALA E 193 -2.45 -33.04 20.53
N ALA E 194 -3.51 -33.43 19.84
CA ALA E 194 -4.87 -33.20 20.33
C ALA E 194 -5.11 -33.83 21.70
N ILE E 195 -4.49 -34.99 21.93
CA ILE E 195 -4.64 -35.68 23.20
C ILE E 195 -3.91 -34.89 24.29
N ASN E 196 -2.72 -34.42 23.97
CA ASN E 196 -1.91 -33.65 24.91
C ASN E 196 -2.68 -32.38 25.30
N GLU E 197 -3.22 -31.70 24.30
CA GLU E 197 -3.98 -30.48 24.56
C GLU E 197 -5.20 -30.72 25.43
N ALA E 198 -5.99 -31.74 25.12
CA ALA E 198 -7.18 -32.04 25.91
C ALA E 198 -6.76 -32.37 27.33
N GLY E 199 -5.70 -33.18 27.44
CA GLY E 199 -5.20 -33.58 28.74
C GLY E 199 -4.84 -32.43 29.65
N ILE E 200 -4.12 -31.44 29.14
CA ILE E 200 -3.74 -30.32 29.99
C ILE E 200 -4.95 -29.58 30.55
N GLU E 201 -6.08 -29.61 29.84
CA GLU E 201 -7.28 -28.95 30.35
C GLU E 201 -7.77 -29.64 31.61
N GLU E 202 -7.54 -30.94 31.69
CA GLU E 202 -7.95 -31.69 32.87
C GLU E 202 -6.97 -31.40 34.01
N PHE E 203 -5.77 -30.94 33.65
CA PHE E 203 -4.77 -30.61 34.66
C PHE E 203 -5.08 -29.21 35.18
N ARG E 204 -5.65 -28.37 34.32
CA ARG E 204 -5.99 -27.01 34.71
C ARG E 204 -6.94 -27.03 35.90
N LYS E 205 -7.60 -28.17 36.10
CA LYS E 205 -8.54 -28.32 37.21
C LYS E 205 -7.80 -28.37 38.55
N TYR E 206 -6.74 -27.57 38.67
CA TYR E 206 -5.94 -27.50 39.88
C TYR E 206 -5.54 -26.04 40.14
N PHE E 207 -5.65 -25.21 39.11
CA PHE E 207 -5.28 -23.80 39.21
C PHE E 207 -6.48 -22.85 39.31
N MET F 1 39.36 -40.72 25.10
CA MET F 1 38.08 -40.48 25.81
C MET F 1 38.27 -39.76 27.13
N ASP F 2 37.93 -38.47 27.15
CA ASP F 2 38.07 -37.66 28.34
C ASP F 2 36.88 -37.84 29.26
N PHE F 3 37.16 -37.86 30.55
CA PHE F 3 36.13 -38.05 31.56
C PHE F 3 36.26 -36.98 32.65
N TYR F 4 35.39 -35.97 32.58
CA TYR F 4 35.40 -34.89 33.57
C TYR F 4 34.65 -35.42 34.78
N TYR F 5 35.32 -35.44 35.93
CA TYR F 5 34.70 -36.04 37.10
C TYR F 5 35.25 -35.57 38.43
N LEU F 6 34.71 -36.19 39.47
CA LEU F 6 35.10 -35.99 40.86
C LEU F 6 34.93 -37.39 41.43
N PRO F 7 35.96 -37.92 42.09
CA PRO F 7 35.86 -39.27 42.65
C PRO F 7 34.74 -39.53 43.65
N GLY F 8 34.40 -38.52 44.44
CA GLY F 8 33.34 -38.69 45.42
C GLY F 8 31.93 -38.67 44.85
N SER F 9 31.79 -38.16 43.63
CA SER F 9 30.50 -38.05 42.96
C SER F 9 29.89 -39.39 42.53
N ALA F 10 28.69 -39.68 43.01
CA ALA F 10 28.01 -40.94 42.68
C ALA F 10 27.80 -41.10 41.18
N PRO F 11 27.25 -40.09 40.51
CA PRO F 11 27.05 -40.28 39.06
C PRO F 11 28.39 -40.54 38.33
N CYS F 12 29.48 -40.01 38.86
CA CYS F 12 30.78 -40.24 38.24
C CYS F 12 31.25 -41.67 38.52
N ARG F 13 31.05 -42.14 39.75
CA ARG F 13 31.45 -43.50 40.08
C ARG F 13 30.64 -44.52 39.28
N ALA F 14 29.40 -44.19 38.93
CA ALA F 14 28.59 -45.12 38.15
C ALA F 14 29.26 -45.30 36.79
N VAL F 15 29.69 -44.20 36.19
CA VAL F 15 30.36 -44.27 34.90
C VAL F 15 31.69 -45.02 34.99
N GLN F 16 32.41 -44.83 36.10
CA GLN F 16 33.68 -45.52 36.27
C GLN F 16 33.52 -47.02 36.36
N MET F 17 32.47 -47.47 37.06
CA MET F 17 32.26 -48.91 37.17
C MET F 17 31.80 -49.47 35.83
N THR F 18 30.96 -48.72 35.12
CA THR F 18 30.48 -49.17 33.83
C THR F 18 31.63 -49.29 32.83
N ALA F 19 32.51 -48.30 32.82
CA ALA F 19 33.66 -48.33 31.91
C ALA F 19 34.54 -49.55 32.24
N ALA F 20 34.72 -49.82 33.53
CA ALA F 20 35.52 -50.97 33.95
C ALA F 20 34.85 -52.26 33.47
N ALA F 21 33.53 -52.33 33.62
CA ALA F 21 32.77 -53.51 33.23
C ALA F 21 32.88 -53.80 31.73
N VAL F 22 32.83 -52.75 30.92
CA VAL F 22 32.91 -52.92 29.47
C VAL F 22 34.34 -52.92 28.95
N GLY F 23 35.30 -52.58 29.81
CA GLY F 23 36.69 -52.58 29.38
C GLY F 23 37.11 -51.39 28.55
N VAL F 24 36.57 -50.22 28.87
CA VAL F 24 36.93 -49.01 28.15
C VAL F 24 37.76 -48.12 29.06
N GLU F 25 38.95 -47.76 28.60
CA GLU F 25 39.83 -46.90 29.39
C GLU F 25 39.41 -45.45 29.28
N LEU F 26 39.48 -44.73 30.40
CA LEU F 26 39.10 -43.33 30.46
C LEU F 26 40.30 -42.46 30.84
N ASN F 27 40.29 -41.21 30.38
CA ASN F 27 41.34 -40.24 30.73
C ASN F 27 40.67 -39.38 31.79
N LEU F 28 41.00 -39.62 33.06
CA LEU F 28 40.41 -38.88 34.17
C LEU F 28 40.85 -37.43 34.24
N LYS F 29 39.89 -36.52 34.13
CA LYS F 29 40.18 -35.10 34.22
C LYS F 29 39.44 -34.56 35.43
N LEU F 30 40.17 -34.43 36.54
CA LEU F 30 39.62 -33.94 37.80
C LEU F 30 39.04 -32.54 37.58
N THR F 31 37.75 -32.40 37.83
CA THR F 31 37.07 -31.13 37.65
C THR F 31 36.59 -30.56 38.97
N ASN F 32 37.27 -29.50 39.42
CA ASN F 32 36.97 -28.84 40.68
C ASN F 32 35.75 -27.93 40.57
N LEU F 33 34.63 -28.38 41.12
CA LEU F 33 33.38 -27.63 41.06
C LEU F 33 33.42 -26.37 41.92
N MET F 34 34.07 -26.46 43.08
CA MET F 34 34.17 -25.32 43.97
C MET F 34 34.87 -24.17 43.26
N ALA F 35 35.91 -24.50 42.51
CA ALA F 35 36.67 -23.50 41.76
C ALA F 35 36.01 -23.19 40.42
N GLY F 36 34.80 -23.72 40.23
CA GLY F 36 34.06 -23.48 38.99
C GLY F 36 34.75 -23.86 37.69
N GLU F 37 35.49 -24.95 37.69
CA GLU F 37 36.16 -25.35 36.45
C GLU F 37 35.14 -25.88 35.44
N HIS F 38 33.95 -26.19 35.92
CA HIS F 38 32.89 -26.71 35.06
C HIS F 38 32.08 -25.56 34.47
N MET F 39 32.37 -24.34 34.94
CA MET F 39 31.64 -23.17 34.48
C MET F 39 32.48 -22.25 33.61
N LYS F 40 33.67 -22.71 33.26
CA LYS F 40 34.58 -21.94 32.40
C LYS F 40 34.09 -22.05 30.96
N PRO F 41 34.33 -21.02 30.13
CA PRO F 41 33.90 -21.03 28.73
C PRO F 41 34.19 -22.35 28.01
N GLU F 42 35.44 -22.77 28.07
CA GLU F 42 35.86 -24.01 27.43
C GLU F 42 34.93 -25.18 27.77
N PHE F 43 34.65 -25.35 29.06
CA PHE F 43 33.78 -26.44 29.50
C PHE F 43 32.33 -26.26 29.07
N LEU F 44 31.84 -25.03 29.12
CA LEU F 44 30.46 -24.74 28.74
C LEU F 44 30.22 -25.02 27.26
N LYS F 45 31.27 -24.88 26.46
CA LYS F 45 31.16 -25.15 25.03
C LYS F 45 30.90 -26.62 24.80
N ILE F 46 31.45 -27.45 25.68
CA ILE F 46 31.27 -28.90 25.60
C ILE F 46 29.94 -29.29 26.26
N ASN F 47 29.70 -28.76 27.44
CA ASN F 47 28.48 -29.06 28.19
C ASN F 47 27.85 -27.79 28.78
N PRO F 48 26.88 -27.18 28.06
CA PRO F 48 26.21 -25.96 28.51
C PRO F 48 25.46 -26.12 29.83
N GLN F 49 25.20 -27.36 30.25
CA GLN F 49 24.50 -27.58 31.51
C GLN F 49 25.53 -27.62 32.65
N HIS F 50 26.79 -27.40 32.30
CA HIS F 50 27.89 -27.37 33.26
C HIS F 50 27.76 -28.36 34.42
N CYS F 51 27.82 -29.65 34.11
CA CYS F 51 27.71 -30.68 35.14
C CYS F 51 28.57 -31.90 34.84
N ILE F 52 29.01 -32.59 35.90
CA ILE F 52 29.82 -33.79 35.77
C ILE F 52 28.97 -34.97 36.27
N PRO F 53 29.21 -36.17 35.74
CA PRO F 53 30.23 -36.47 34.74
C PRO F 53 29.89 -36.00 33.34
N THR F 54 30.94 -35.68 32.58
CA THR F 54 30.82 -35.27 31.19
C THR F 54 31.85 -36.10 30.47
N LEU F 55 31.44 -36.72 29.37
CA LEU F 55 32.32 -37.56 28.59
C LEU F 55 32.56 -36.95 27.22
N VAL F 56 33.78 -37.11 26.72
CA VAL F 56 34.13 -36.64 25.39
C VAL F 56 34.85 -37.77 24.68
N ASP F 57 34.16 -38.35 23.71
CA ASP F 57 34.65 -39.46 22.92
C ASP F 57 34.92 -39.01 21.49
N ASN F 58 36.18 -38.71 21.21
CA ASN F 58 36.58 -38.25 19.88
C ASN F 58 35.67 -37.17 19.29
N GLY F 59 35.51 -36.08 20.03
CA GLY F 59 34.70 -34.98 19.57
C GLY F 59 33.25 -35.01 20.01
N PHE F 60 32.76 -36.18 20.38
CA PHE F 60 31.37 -36.32 20.84
C PHE F 60 31.27 -36.06 22.33
N ALA F 61 30.55 -35.02 22.70
CA ALA F 61 30.36 -34.67 24.11
C ALA F 61 29.03 -35.22 24.59
N LEU F 62 29.02 -35.79 25.79
CA LEU F 62 27.81 -36.38 26.34
C LEU F 62 27.81 -36.24 27.85
N TRP F 63 26.65 -35.94 28.42
CA TRP F 63 26.54 -35.87 29.87
C TRP F 63 25.30 -36.65 30.31
N GLU F 64 25.05 -36.68 31.61
CA GLU F 64 23.98 -37.45 32.26
C GLU F 64 24.60 -38.84 32.41
N SER F 65 25.03 -39.15 33.62
CA SER F 65 25.69 -40.42 33.92
C SER F 65 25.07 -41.67 33.34
N ARG F 66 23.76 -41.79 33.42
CA ARG F 66 23.10 -42.98 32.94
C ARG F 66 23.05 -43.07 31.42
N ALA F 67 23.11 -41.92 30.75
CA ALA F 67 23.13 -41.88 29.29
C ALA F 67 24.55 -42.25 28.87
N ILE F 68 25.53 -41.89 29.68
CA ILE F 68 26.92 -42.21 29.39
C ILE F 68 27.12 -43.71 29.58
N CYS F 69 26.53 -44.26 30.65
CA CYS F 69 26.66 -45.68 30.92
C CYS F 69 26.04 -46.52 29.81
N THR F 70 24.85 -46.14 29.34
CA THR F 70 24.21 -46.87 28.26
C THR F 70 24.98 -46.72 26.95
N TYR F 71 25.58 -45.56 26.74
CA TYR F 71 26.37 -45.31 25.54
C TYR F 71 27.59 -46.23 25.52
N LEU F 72 28.27 -46.34 26.65
CA LEU F 72 29.43 -47.20 26.74
C LEU F 72 29.04 -48.66 26.49
N ALA F 73 27.94 -49.10 27.09
CA ALA F 73 27.48 -50.47 26.90
C ALA F 73 27.10 -50.77 25.45
N GLU F 74 26.35 -49.87 24.83
CA GLU F 74 25.92 -50.08 23.46
C GLU F 74 27.03 -50.01 22.42
N LYS F 75 27.95 -49.06 22.57
CA LYS F 75 29.01 -48.92 21.59
C LYS F 75 30.25 -49.79 21.80
N TYR F 76 30.63 -50.00 23.05
CA TYR F 76 31.83 -50.77 23.38
C TYR F 76 31.62 -52.12 24.07
N GLY F 77 30.40 -52.35 24.54
CA GLY F 77 30.11 -53.60 25.23
C GLY F 77 30.16 -54.83 24.35
N LYS F 78 30.69 -55.91 24.90
CA LYS F 78 30.80 -57.17 24.18
C LYS F 78 29.90 -58.20 24.85
N ASP F 79 29.30 -57.80 25.96
CA ASP F 79 28.44 -58.71 26.73
C ASP F 79 27.00 -58.20 26.81
N ASP F 80 26.14 -58.77 25.98
CA ASP F 80 24.73 -58.38 25.95
C ASP F 80 24.12 -58.36 27.35
N LYS F 81 24.63 -59.22 28.23
CA LYS F 81 24.13 -59.30 29.59
C LYS F 81 24.08 -57.96 30.32
N LEU F 82 25.17 -57.19 30.23
CA LEU F 82 25.26 -55.89 30.90
C LEU F 82 24.18 -54.89 30.49
N TYR F 83 23.68 -55.01 29.26
CA TYR F 83 22.64 -54.11 28.78
C TYR F 83 21.95 -54.78 27.58
N PRO F 84 21.11 -55.79 27.86
CA PRO F 84 20.37 -56.58 26.87
C PRO F 84 19.67 -55.81 25.75
N LYS F 85 19.82 -56.31 24.53
CA LYS F 85 19.20 -55.70 23.35
C LYS F 85 17.71 -55.99 23.30
N ASP F 86 17.30 -57.12 23.87
CA ASP F 86 15.89 -57.48 23.88
C ASP F 86 15.06 -56.33 24.43
N PRO F 87 14.07 -55.86 23.67
CA PRO F 87 13.22 -54.75 24.13
C PRO F 87 12.63 -54.88 25.53
N GLN F 88 12.12 -56.06 25.88
CA GLN F 88 11.52 -56.24 27.21
C GLN F 88 12.57 -56.21 28.30
N LYS F 89 13.64 -56.98 28.14
CA LYS F 89 14.70 -56.99 29.15
C LYS F 89 15.33 -55.61 29.27
N ARG F 90 15.56 -54.96 28.14
CA ARG F 90 16.14 -53.63 28.15
C ARG F 90 15.22 -52.62 28.83
N ALA F 91 13.92 -52.81 28.65
CA ALA F 91 12.93 -51.94 29.25
C ALA F 91 13.00 -51.96 30.77
N VAL F 92 13.21 -53.14 31.35
CA VAL F 92 13.29 -53.22 32.80
C VAL F 92 14.55 -52.53 33.29
N VAL F 93 15.67 -52.76 32.59
CA VAL F 93 16.91 -52.11 33.01
C VAL F 93 16.69 -50.60 32.95
N ASN F 94 16.10 -50.11 31.86
CA ASN F 94 15.85 -48.67 31.72
C ASN F 94 14.94 -48.14 32.83
N GLN F 95 13.92 -48.91 33.21
CA GLN F 95 13.02 -48.46 34.26
C GLN F 95 13.83 -48.29 35.54
N ARG F 96 14.71 -49.25 35.83
CA ARG F 96 15.52 -49.18 37.04
C ARG F 96 16.52 -48.01 36.97
N LEU F 97 16.95 -47.64 35.76
CA LEU F 97 17.86 -46.51 35.60
C LEU F 97 17.14 -45.23 35.97
N TYR F 98 15.91 -45.08 35.48
CA TYR F 98 15.12 -43.89 35.79
C TYR F 98 14.75 -43.89 37.26
N PHE F 99 14.57 -45.09 37.83
CA PHE F 99 14.26 -45.21 39.26
C PHE F 99 15.45 -44.68 40.06
N ASP F 100 16.64 -45.11 39.66
CA ASP F 100 17.85 -44.68 40.35
C ASP F 100 18.00 -43.16 40.33
N MET F 101 17.76 -42.54 39.18
CA MET F 101 17.90 -41.10 39.08
C MET F 101 16.75 -40.32 39.73
N GLY F 102 15.52 -40.65 39.36
CA GLY F 102 14.36 -39.94 39.86
C GLY F 102 13.80 -40.29 41.22
N THR F 103 14.13 -41.46 41.74
CA THR F 103 13.60 -41.84 43.04
C THR F 103 14.69 -42.04 44.09
N LEU F 104 15.53 -43.05 43.90
CA LEU F 104 16.59 -43.35 44.86
C LEU F 104 17.63 -42.24 45.06
N TYR F 105 18.28 -41.80 44.00
CA TYR F 105 19.27 -40.75 44.16
C TYR F 105 18.64 -39.38 44.40
N GLN F 106 17.55 -39.10 43.68
CA GLN F 106 16.87 -37.82 43.83
C GLN F 106 16.53 -37.52 45.29
N ARG F 107 15.91 -38.49 45.96
CA ARG F 107 15.50 -38.31 47.34
C ARG F 107 16.69 -38.25 48.30
N PHE F 108 17.75 -38.96 47.97
CA PHE F 108 18.96 -38.96 48.80
C PHE F 108 19.56 -37.56 48.73
N ALA F 109 19.70 -37.03 47.52
CA ALA F 109 20.25 -35.69 47.34
C ALA F 109 19.39 -34.62 48.01
N ASP F 110 18.09 -34.65 47.76
CA ASP F 110 17.18 -33.68 48.35
C ASP F 110 17.26 -33.64 49.87
N TYR F 111 17.54 -34.79 50.49
CA TYR F 111 17.63 -34.86 51.94
C TYR F 111 18.98 -34.47 52.55
N TYR F 112 20.06 -35.07 52.04
CA TYR F 112 21.39 -34.81 52.58
C TYR F 112 22.11 -33.55 52.10
N TYR F 113 21.99 -33.21 50.83
CA TYR F 113 22.70 -32.04 50.34
C TYR F 113 22.39 -30.75 51.07
N PRO F 114 21.10 -30.49 51.37
CA PRO F 114 20.75 -29.25 52.08
C PRO F 114 21.43 -29.17 53.44
N GLN F 115 21.76 -30.32 54.00
CA GLN F 115 22.42 -30.38 55.31
C GLN F 115 23.93 -30.17 55.20
N ILE F 116 24.53 -30.84 54.22
CA ILE F 116 25.98 -30.74 54.01
C ILE F 116 26.40 -29.38 53.44
N PHE F 117 25.71 -28.95 52.39
CA PHE F 117 26.03 -27.70 51.71
C PHE F 117 25.43 -26.41 52.26
N ALA F 118 24.16 -26.45 52.62
CA ALA F 118 23.51 -25.26 53.16
C ALA F 118 23.49 -25.24 54.68
N LYS F 119 23.97 -26.33 55.30
CA LYS F 119 23.99 -26.44 56.75
C LYS F 119 22.58 -26.25 57.33
N GLN F 120 21.57 -26.68 56.60
CA GLN F 120 20.20 -26.53 57.07
C GLN F 120 19.81 -27.78 57.87
N PRO F 121 18.86 -27.64 58.81
CA PRO F 121 18.43 -28.78 59.62
C PRO F 121 17.82 -29.89 58.74
N ALA F 122 17.88 -31.12 59.20
CA ALA F 122 17.32 -32.25 58.44
C ALA F 122 15.83 -32.04 58.24
N ASN F 123 15.36 -32.37 57.04
CA ASN F 123 13.95 -32.21 56.68
C ASN F 123 13.22 -33.55 56.85
N ALA F 124 12.41 -33.66 57.90
CA ALA F 124 11.66 -34.87 58.20
C ALA F 124 10.83 -35.41 57.05
N GLU F 125 10.18 -34.53 56.29
CA GLU F 125 9.35 -34.98 55.17
C GLU F 125 10.19 -35.62 54.08
N ASN F 126 11.37 -35.08 53.82
CA ASN F 126 12.23 -35.65 52.79
C ASN F 126 12.91 -36.92 53.28
N GLU F 127 13.05 -37.04 54.61
CA GLU F 127 13.67 -38.25 55.14
C GLU F 127 12.75 -39.42 54.83
N LYS F 128 11.45 -39.24 55.08
CA LYS F 128 10.47 -40.29 54.83
C LYS F 128 10.45 -40.67 53.36
N LYS F 129 10.50 -39.67 52.49
CA LYS F 129 10.48 -39.96 51.05
C LYS F 129 11.71 -40.78 50.67
N MET F 130 12.83 -40.49 51.32
CA MET F 130 14.07 -41.21 51.04
C MET F 130 13.92 -42.66 51.52
N LYS F 131 13.36 -42.84 52.71
CA LYS F 131 13.17 -44.19 53.22
C LYS F 131 12.23 -44.94 52.28
N ASP F 132 11.19 -44.28 51.81
CA ASP F 132 10.25 -44.94 50.90
C ASP F 132 10.97 -45.41 49.63
N ALA F 133 11.96 -44.65 49.20
CA ALA F 133 12.73 -45.00 48.00
C ALA F 133 13.51 -46.28 48.23
N VAL F 134 14.12 -46.41 49.40
CA VAL F 134 14.92 -47.59 49.72
C VAL F 134 13.99 -48.79 49.90
N ASP F 135 12.78 -48.54 50.39
CA ASP F 135 11.81 -49.61 50.60
C ASP F 135 11.43 -50.21 49.24
N PHE F 136 11.27 -49.34 48.24
CA PHE F 136 10.94 -49.79 46.90
C PHE F 136 12.04 -50.72 46.40
N LEU F 137 13.29 -50.29 46.55
CA LEU F 137 14.43 -51.10 46.11
C LEU F 137 14.43 -52.44 46.84
N ASN F 138 14.09 -52.40 48.12
CA ASN F 138 14.04 -53.61 48.93
C ASN F 138 13.04 -54.59 48.34
N THR F 139 11.92 -54.07 47.87
CA THR F 139 10.90 -54.92 47.26
C THR F 139 11.41 -55.47 45.94
N PHE F 140 12.03 -54.62 45.13
CA PHE F 140 12.57 -55.05 43.84
C PHE F 140 13.56 -56.20 44.03
N LEU F 141 14.30 -56.16 45.13
CA LEU F 141 15.31 -57.17 45.40
C LEU F 141 14.87 -58.40 46.20
N ASP F 142 13.59 -58.47 46.53
CA ASP F 142 13.07 -59.61 47.27
C ASP F 142 12.97 -60.75 46.26
N GLY F 143 13.84 -61.73 46.38
CA GLY F 143 13.83 -62.84 45.46
C GLY F 143 14.82 -62.63 44.33
N HIS F 144 14.63 -61.55 43.58
CA HIS F 144 15.53 -61.20 42.47
C HIS F 144 16.91 -60.86 43.02
N LYS F 145 17.92 -61.54 42.51
CA LYS F 145 19.30 -61.31 42.97
C LYS F 145 19.91 -60.01 42.49
N TYR F 146 19.43 -59.49 41.36
CA TYR F 146 19.95 -58.25 40.82
C TYR F 146 18.87 -57.19 40.62
N VAL F 147 19.30 -55.93 40.56
CA VAL F 147 18.37 -54.81 40.40
C VAL F 147 17.39 -55.02 39.25
N ALA F 148 17.92 -55.46 38.10
CA ALA F 148 17.10 -55.71 36.93
C ALA F 148 17.41 -57.09 36.35
N GLY F 149 16.56 -58.06 36.65
CA GLY F 149 16.78 -59.40 36.13
C GLY F 149 17.62 -60.30 37.01
N ASP F 150 18.16 -61.35 36.42
CA ASP F 150 18.96 -62.32 37.16
C ASP F 150 20.45 -62.24 36.86
N SER F 151 20.89 -61.15 36.24
CA SER F 151 22.30 -60.98 35.91
C SER F 151 22.73 -59.54 36.15
N LEU F 152 24.00 -59.33 36.43
CA LEU F 152 24.53 -57.98 36.67
C LEU F 152 24.36 -57.12 35.41
N THR F 153 23.78 -55.93 35.58
CA THR F 153 23.59 -55.02 34.46
C THR F 153 24.01 -53.62 34.87
N ILE F 154 23.95 -52.67 33.94
CA ILE F 154 24.29 -51.29 34.22
C ILE F 154 23.44 -50.76 35.38
N ALA F 155 22.26 -51.34 35.54
CA ALA F 155 21.34 -50.93 36.61
C ALA F 155 21.96 -51.18 37.97
N ASP F 156 22.64 -52.31 38.12
CA ASP F 156 23.27 -52.63 39.39
C ASP F 156 24.40 -51.65 39.67
N LEU F 157 25.16 -51.34 38.63
CA LEU F 157 26.29 -50.44 38.77
C LEU F 157 25.87 -49.03 39.19
N THR F 158 24.85 -48.47 38.58
CA THR F 158 24.43 -47.12 38.97
C THR F 158 23.79 -47.13 40.36
N VAL F 159 22.99 -48.16 40.66
CA VAL F 159 22.36 -48.23 41.97
C VAL F 159 23.43 -48.45 43.06
N LEU F 160 24.50 -49.16 42.72
CA LEU F 160 25.58 -49.37 43.68
C LEU F 160 26.24 -48.03 43.95
N ALA F 161 26.48 -47.27 42.89
CA ALA F 161 27.09 -45.95 43.08
C ALA F 161 26.23 -45.15 44.07
N THR F 162 24.92 -45.20 43.88
CA THR F 162 23.99 -44.49 44.74
C THR F 162 23.92 -45.05 46.16
N VAL F 163 23.76 -46.36 46.30
CA VAL F 163 23.67 -46.98 47.62
C VAL F 163 24.94 -46.83 48.45
N SER F 164 26.09 -46.84 47.79
CA SER F 164 27.36 -46.66 48.50
C SER F 164 27.38 -45.29 49.14
N THR F 165 26.68 -44.35 48.53
CA THR F 165 26.63 -42.98 49.03
C THR F 165 25.65 -42.91 50.19
N TYR F 166 24.55 -43.65 50.10
CA TYR F 166 23.59 -43.68 51.20
C TYR F 166 24.37 -44.19 52.41
N ASP F 167 25.22 -45.19 52.16
CA ASP F 167 26.01 -45.81 53.21
C ASP F 167 26.92 -44.83 53.96
N VAL F 168 27.78 -44.13 53.22
CA VAL F 168 28.71 -43.20 53.84
C VAL F 168 28.01 -42.02 54.53
N ALA F 169 26.81 -41.69 54.06
CA ALA F 169 26.03 -40.60 54.64
C ALA F 169 25.42 -41.00 55.97
N GLY F 170 25.44 -42.29 56.26
CA GLY F 170 24.89 -42.76 57.54
C GLY F 170 23.48 -43.31 57.49
N PHE F 171 22.95 -43.53 56.30
CA PHE F 171 21.61 -44.09 56.20
C PHE F 171 21.68 -45.53 56.69
N GLU F 172 20.68 -45.96 57.47
CA GLU F 172 20.66 -47.31 57.99
C GLU F 172 20.13 -48.34 56.98
N LEU F 173 20.99 -48.73 56.04
CA LEU F 173 20.63 -49.71 55.02
C LEU F 173 20.33 -51.06 55.65
N ALA F 174 20.85 -51.28 56.84
CA ALA F 174 20.66 -52.54 57.55
C ALA F 174 19.20 -52.89 57.80
N LYS F 175 18.33 -51.88 57.88
CA LYS F 175 16.92 -52.15 58.11
C LYS F 175 16.15 -52.63 56.88
N TYR F 176 16.83 -52.72 55.75
CA TYR F 176 16.22 -53.21 54.52
C TYR F 176 17.07 -54.41 54.11
N PRO F 177 16.76 -55.59 54.67
CA PRO F 177 17.45 -56.86 54.44
C PRO F 177 17.84 -57.21 53.02
N HIS F 178 16.92 -57.04 52.08
CA HIS F 178 17.21 -57.39 50.70
C HIS F 178 18.21 -56.43 50.07
N VAL F 179 18.01 -55.15 50.29
CA VAL F 179 18.92 -54.13 49.77
C VAL F 179 20.29 -54.38 50.39
N ALA F 180 20.30 -54.61 51.70
CA ALA F 180 21.56 -54.83 52.41
C ALA F 180 22.32 -56.03 51.85
N ALA F 181 21.62 -57.13 51.59
CA ALA F 181 22.26 -58.34 51.06
C ALA F 181 22.81 -58.11 49.65
N TRP F 182 22.02 -57.47 48.81
CA TRP F 182 22.42 -57.17 47.45
C TRP F 182 23.66 -56.27 47.47
N TYR F 183 23.67 -55.32 48.40
CA TYR F 183 24.78 -54.39 48.54
C TYR F 183 26.06 -55.10 48.99
N GLU F 184 25.90 -55.98 49.98
CA GLU F 184 27.04 -56.74 50.51
C GLU F 184 27.72 -57.54 49.40
N ARG F 185 26.92 -58.10 48.49
CA ARG F 185 27.43 -58.89 47.38
C ARG F 185 28.01 -58.02 46.27
N THR F 186 27.21 -57.07 45.81
CA THR F 186 27.59 -56.19 44.71
C THR F 186 28.78 -55.28 44.96
N ARG F 187 28.96 -54.86 46.22
CA ARG F 187 30.08 -53.99 46.59
C ARG F 187 31.41 -54.60 46.20
N LYS F 188 31.48 -55.93 46.25
CA LYS F 188 32.70 -56.66 45.94
C LYS F 188 32.81 -57.14 44.49
N GLU F 189 31.71 -57.67 43.97
CA GLU F 189 31.66 -58.22 42.63
C GLU F 189 31.58 -57.25 41.46
N ALA F 190 31.17 -56.01 41.72
CA ALA F 190 31.06 -55.02 40.64
C ALA F 190 32.40 -54.64 40.05
N PRO F 191 32.48 -54.60 38.71
CA PRO F 191 33.75 -54.21 38.10
C PRO F 191 34.04 -52.80 38.59
N GLY F 192 35.27 -52.53 38.98
CA GLY F 192 35.63 -51.22 39.47
C GLY F 192 35.21 -51.00 40.91
N ALA F 193 34.90 -52.08 41.61
CA ALA F 193 34.49 -51.97 43.00
C ALA F 193 35.51 -51.19 43.83
N ALA F 194 36.80 -51.40 43.55
CA ALA F 194 37.86 -50.71 44.28
C ALA F 194 37.79 -49.20 44.06
N ILE F 195 37.45 -48.81 42.84
CA ILE F 195 37.36 -47.39 42.51
C ILE F 195 36.19 -46.78 43.29
N ASN F 196 35.05 -47.48 43.29
CA ASN F 196 33.86 -47.03 44.00
C ASN F 196 34.17 -46.85 45.47
N GLU F 197 34.81 -47.85 46.07
CA GLU F 197 35.16 -47.78 47.49
C GLU F 197 36.10 -46.61 47.78
N ALA F 198 37.07 -46.39 46.90
CA ALA F 198 38.01 -45.30 47.10
C ALA F 198 37.31 -43.95 46.98
N GLY F 199 36.45 -43.82 45.98
CA GLY F 199 35.72 -42.58 45.78
C GLY F 199 34.86 -42.15 46.95
N ILE F 200 34.11 -43.09 47.54
CA ILE F 200 33.25 -42.74 48.67
C ILE F 200 34.05 -42.14 49.82
N GLU F 201 35.33 -42.49 49.90
CA GLU F 201 36.17 -41.95 50.96
C GLU F 201 36.44 -40.48 50.74
N GLU F 202 36.43 -40.06 49.48
CA GLU F 202 36.63 -38.65 49.14
C GLU F 202 35.33 -37.89 49.38
N PHE F 203 34.22 -38.63 49.43
CA PHE F 203 32.92 -38.02 49.67
C PHE F 203 32.71 -37.86 51.17
N ARG F 204 33.24 -38.81 51.94
CA ARG F 204 33.11 -38.76 53.39
C ARG F 204 33.63 -37.43 53.90
N LYS F 205 34.49 -36.79 53.12
CA LYS F 205 35.07 -35.52 53.49
C LYS F 205 34.07 -34.38 53.43
N TYR F 206 32.83 -34.69 53.81
CA TYR F 206 31.74 -33.70 53.85
C TYR F 206 30.92 -34.00 55.11
N PHE F 207 31.25 -35.11 55.76
CA PHE F 207 30.57 -35.54 56.97
C PHE F 207 31.49 -35.50 58.18
N1 GSH G . -22.26 39.92 -32.85
CA1 GSH G . -23.58 39.32 -32.90
C1 GSH G . -24.11 39.10 -34.34
O11 GSH G . -24.99 38.24 -34.54
O12 GSH G . -23.57 39.84 -35.28
CB1 GSH G . -24.54 40.20 -32.05
CG1 GSH G . -25.79 39.40 -31.61
CD1 GSH G . -26.70 40.27 -30.73
OE1 GSH G . -26.30 41.33 -30.20
N2 GSH G . -27.93 39.76 -30.56
CA2 GSH G . -28.92 40.43 -29.73
C2 GSH G . -29.45 39.39 -28.73
O2 GSH G . -29.88 38.28 -29.10
CB2 GSH G . -30.10 40.95 -30.58
SG2 GSH G . -29.67 42.42 -31.55
N3 GSH G . -29.39 39.73 -27.41
CA3 GSH G . -29.84 38.90 -26.28
C3 GSH G . -28.74 37.96 -25.76
O31 GSH G . -29.06 37.24 -24.81
O32 GSH G . -27.60 37.97 -26.30
N1 GSH H . -10.33 44.41 -33.50
CA1 GSH H . -9.00 44.88 -33.84
C1 GSH H . -8.05 43.70 -34.26
O11 GSH H . -7.04 43.94 -34.93
O12 GSH H . -8.41 42.51 -33.87
CB1 GSH H . -8.46 45.69 -32.62
CG1 GSH H . -7.26 46.60 -33.02
CD1 GSH H . -6.80 47.42 -31.79
OE1 GSH H . -7.51 47.52 -30.76
N2 GSH H . -5.61 48.00 -31.95
CA2 GSH H . -5.02 48.84 -30.91
C2 GSH H . -4.58 50.16 -31.56
O2 GSH H . -3.87 50.17 -32.57
CB2 GSH H . -3.79 48.14 -30.32
SG2 GSH H . -4.30 46.85 -29.17
N3 GSH H . -5.02 51.29 -30.96
CA3 GSH H . -4.71 52.66 -31.43
C3 GSH H . -5.76 53.17 -32.42
O31 GSH H . -5.58 54.31 -32.85
O32 GSH H . -6.72 52.42 -32.73
N1 GSH I . -6.52 -1.40 2.75
CA1 GSH I . -7.79 -2.12 2.71
C1 GSH I . -8.29 -2.38 1.26
O11 GSH I . -9.06 -3.33 1.03
O12 GSH I . -7.84 -1.57 0.33
CB1 GSH I . -8.81 -1.31 3.57
CG1 GSH I . -10.14 -2.07 3.82
CD1 GSH I . -11.07 -1.22 4.73
OE1 GSH I . -10.71 -0.13 5.21
N2 GSH I . -12.25 -1.82 4.97
CA2 GSH I . -13.27 -1.19 5.83
C2 GSH I . -13.76 -2.30 6.79
O2 GSH I . -14.13 -3.40 6.38
CB2 GSH I . -14.45 -0.68 4.98
SG2 GSH I . -13.98 0.77 3.99
N3 GSH I . -13.75 -1.98 8.12
CA3 GSH I . -14.18 -2.91 9.19
C3 GSH I . -13.02 -3.77 9.71
O31 GSH I . -13.32 -4.56 10.62
O32 GSH I . -11.88 -3.64 9.22
N1 GSH J . 5.37 3.35 2.17
CA1 GSH J . 6.74 3.79 1.96
C1 GSH J . 7.72 2.63 1.63
O11 GSH J . 8.80 2.87 1.05
O12 GSH J . 7.34 1.43 1.96
CB1 GSH J . 7.17 4.61 3.21
CG1 GSH J . 8.51 5.37 3.01
CD1 GSH J . 8.83 6.21 4.27
OE1 GSH J . 8.02 6.36 5.20
N2 GSH J . 10.04 6.77 4.22
CA2 GSH J . 10.50 7.64 5.30
C2 GSH J . 10.92 8.98 4.66
O2 GSH J . 11.66 9.04 3.65
CB2 GSH J . 11.73 7.02 6.01
SG2 GSH J . 11.29 5.53 6.95
N3 GSH J . 10.44 10.11 5.26
CA3 GSH J . 10.72 11.49 4.82
C3 GSH J . 9.76 11.97 3.73
O31 GSH J . 9.97 13.13 3.33
O32 GSH J . 8.84 11.23 3.29
N1 GSH K . 9.26 -40.64 36.94
CA1 GSH K . 7.91 -41.20 36.78
C1 GSH K . 7.48 -41.33 35.29
O11 GSH K . 6.62 -42.19 34.99
O12 GSH K . 8.04 -40.54 34.43
CB1 GSH K . 6.94 -40.31 37.62
CG1 GSH K . 5.54 -40.95 37.75
CD1 GSH K . 4.64 -40.08 38.64
OE1 GSH K . 5.05 -39.06 39.23
N2 GSH K . 3.41 -40.55 38.75
CA2 GSH K . 2.41 -39.87 39.59
C2 GSH K . 1.79 -40.93 40.52
O2 GSH K . 1.43 -42.03 40.10
CB2 GSH K . 1.29 -39.26 38.73
SG2 GSH K . 1.89 -37.88 37.70
N3 GSH K . 1.68 -40.58 41.83
CA3 GSH K . 1.10 -41.44 42.89
C3 GSH K . 2.17 -42.28 43.60
O31 GSH K . 1.76 -43.02 44.50
O32 GSH K . 3.37 -42.19 43.25
N1 GSH L . 21.54 -36.36 36.64
CA1 GSH L . 22.95 -36.06 36.49
C1 GSH L . 23.81 -37.32 36.20
O11 GSH L . 24.95 -37.19 35.68
O12 GSH L . 23.29 -38.47 36.47
CB1 GSH L . 23.38 -35.27 37.77
CG1 GSH L . 24.80 -34.70 37.66
CD1 GSH L . 25.15 -33.86 38.91
OE1 GSH L . 24.33 -33.65 39.82
N2 GSH L . 26.40 -33.38 38.87
CA2 GSH L . 26.89 -32.53 39.96
C2 GSH L . 27.41 -31.24 39.30
O2 GSH L . 28.11 -31.26 38.27
CB2 GSH L . 28.04 -33.22 40.70
SG2 GSH L . 27.49 -34.71 41.61
N3 GSH L . 27.08 -30.07 39.92
CA3 GSH L . 27.50 -28.73 39.46
C3 GSH L . 26.44 -28.06 38.56
O31 GSH L . 26.74 -26.93 38.15
O32 GSH L . 25.37 -28.66 38.29
#